data_6F8E
#
_entry.id   6F8E
#
_entity_poly.entity_id   1
_entity_poly.type   'polypeptide(L)'
_entity_poly.pdbx_seq_one_letter_code
;SASDIRMKKVMQYRRALTKVVKLKTHLFSETVKVTCSKDGEEVQWFKGKSTAGAQDRKKPSGGFPVDKITSVKSQADNTK
VLVITVNNPQPTTYNFTFKSPGERESWQEQIQSLMKFMSMK
;
_entity_poly.pdbx_strand_id   A
#
# COMPACT_ATOMS: atom_id res chain seq x y z
N SER A 1 -10.31 22.90 5.53
CA SER A 1 -10.13 22.25 6.83
C SER A 1 -9.13 21.10 6.70
N ALA A 2 -8.12 21.11 7.55
CA ALA A 2 -6.98 20.20 7.45
C ALA A 2 -7.41 18.73 7.57
N SER A 3 -8.44 18.48 8.36
CA SER A 3 -8.93 17.11 8.53
C SER A 3 -9.81 16.73 7.33
N ASP A 4 -10.72 17.62 6.97
CA ASP A 4 -11.61 17.39 5.83
C ASP A 4 -10.83 17.20 4.54
N ILE A 5 -9.86 18.07 4.30
CA ILE A 5 -9.07 17.98 3.08
C ILE A 5 -8.25 16.69 3.07
N ARG A 6 -7.76 16.29 4.23
CA ARG A 6 -6.98 15.07 4.32
C ARG A 6 -7.85 13.85 4.05
N MET A 7 -8.99 13.79 4.71
CA MET A 7 -9.89 12.65 4.54
C MET A 7 -10.36 12.52 3.10
N LYS A 8 -10.55 13.64 2.41
CA LYS A 8 -10.91 13.58 1.00
C LYS A 8 -9.67 13.25 0.17
N LYS A 9 -8.52 13.75 0.58
CA LYS A 9 -7.29 13.60 -0.19
C LYS A 9 -6.78 12.17 -0.10
N VAL A 10 -6.90 11.57 1.08
CA VAL A 10 -6.51 10.19 1.27
C VAL A 10 -7.39 9.27 0.44
N MET A 11 -8.65 9.67 0.24
CA MET A 11 -9.56 8.93 -0.62
C MET A 11 -9.07 8.98 -2.07
N GLN A 12 -8.48 10.12 -2.44
CA GLN A 12 -7.89 10.27 -3.77
C GLN A 12 -6.70 9.33 -3.91
N TYR A 13 -5.86 9.30 -2.89
CA TYR A 13 -4.73 8.39 -2.86
C TYR A 13 -5.21 6.95 -2.74
N ARG A 14 -6.34 6.78 -2.06
CA ARG A 14 -6.89 5.46 -1.78
C ARG A 14 -7.22 4.73 -3.07
N ARG A 15 -7.77 5.45 -4.04
CA ARG A 15 -8.07 4.87 -5.33
C ARG A 15 -6.79 4.49 -6.07
N ALA A 16 -5.75 5.31 -5.89
CA ALA A 16 -4.48 5.07 -6.55
C ALA A 16 -3.67 4.00 -5.82
N LEU A 17 -4.06 3.71 -4.59
CA LEU A 17 -3.44 2.66 -3.81
C LEU A 17 -4.24 1.37 -3.91
N THR A 18 -5.50 1.48 -4.28
CA THR A 18 -6.32 0.32 -4.54
C THR A 18 -5.94 -0.27 -5.89
N LYS A 19 -5.26 -1.41 -5.86
CA LYS A 19 -4.69 -2.00 -7.06
C LYS A 19 -4.59 -3.50 -6.92
N VAL A 20 -4.23 -4.16 -8.00
CA VAL A 20 -3.90 -5.57 -7.96
C VAL A 20 -2.42 -5.76 -8.19
N VAL A 21 -1.77 -6.47 -7.29
CA VAL A 21 -0.33 -6.61 -7.30
C VAL A 21 0.09 -7.92 -6.64
N LYS A 22 1.19 -8.48 -7.09
CA LYS A 22 1.67 -9.74 -6.56
C LYS A 22 2.83 -9.49 -5.60
N LEU A 23 2.64 -9.92 -4.36
CA LEU A 23 3.67 -9.73 -3.34
C LEU A 23 4.67 -10.88 -3.35
N LYS A 24 5.92 -10.57 -3.05
CA LYS A 24 6.97 -11.58 -3.01
C LYS A 24 7.97 -11.23 -1.92
N THR A 25 7.94 -11.95 -0.82
CA THR A 25 8.86 -11.70 0.28
C THR A 25 8.78 -12.82 1.32
N HIS A 26 9.37 -12.61 2.48
CA HIS A 26 9.32 -13.60 3.56
C HIS A 26 7.89 -13.75 4.09
N LEU A 27 7.07 -12.76 3.74
CA LEU A 27 5.64 -12.82 4.04
C LEU A 27 5.01 -13.97 3.25
N PHE A 28 5.10 -13.86 1.93
CA PHE A 28 4.63 -14.88 1.01
C PHE A 28 4.84 -14.41 -0.42
N SER A 29 4.44 -15.22 -1.38
CA SER A 29 4.41 -14.82 -2.77
C SER A 29 3.05 -15.16 -3.37
N GLU A 30 2.18 -14.16 -3.45
CA GLU A 30 0.81 -14.35 -3.94
C GLU A 30 0.31 -13.06 -4.58
N THR A 31 -0.67 -13.19 -5.44
CA THR A 31 -1.29 -12.02 -6.06
C THR A 31 -2.33 -11.43 -5.13
N VAL A 32 -2.10 -10.22 -4.68
CA VAL A 32 -2.94 -9.59 -3.69
C VAL A 32 -3.57 -8.33 -4.24
N LYS A 33 -4.65 -7.90 -3.62
CA LYS A 33 -5.24 -6.62 -3.96
C LYS A 33 -4.88 -5.62 -2.88
N VAL A 34 -4.24 -4.53 -3.27
CA VAL A 34 -3.74 -3.56 -2.31
C VAL A 34 -4.67 -2.37 -2.24
N THR A 35 -4.57 -1.64 -1.13
CA THR A 35 -5.42 -0.49 -0.88
C THR A 35 -4.96 0.19 0.41
N CYS A 36 -5.72 1.16 0.88
CA CYS A 36 -5.39 1.82 2.12
C CYS A 36 -6.66 2.06 2.94
N SER A 37 -6.50 2.30 4.24
CA SER A 37 -7.63 2.57 5.12
C SER A 37 -8.32 3.90 4.76
N LYS A 38 -9.36 4.24 5.51
CA LYS A 38 -10.22 5.37 5.14
C LYS A 38 -9.48 6.69 5.28
N ASP A 39 -8.85 6.89 6.42
CA ASP A 39 -8.07 8.11 6.66
C ASP A 39 -6.70 8.01 6.02
N GLY A 40 -6.53 7.02 5.13
CA GLY A 40 -5.24 6.77 4.52
C GLY A 40 -4.20 6.37 5.54
N GLU A 41 -4.67 6.06 6.75
CA GLU A 41 -3.81 5.82 7.88
C GLU A 41 -3.06 4.48 7.78
N GLU A 42 -3.51 3.61 6.91
CA GLU A 42 -2.96 2.27 6.81
C GLU A 42 -2.91 1.80 5.37
N VAL A 43 -1.99 0.90 5.08
CA VAL A 43 -1.94 0.21 3.81
C VAL A 43 -2.42 -1.21 4.02
N GLN A 44 -3.36 -1.65 3.21
CA GLN A 44 -3.99 -2.95 3.40
C GLN A 44 -3.93 -3.76 2.12
N TRP A 45 -4.01 -5.08 2.24
CA TRP A 45 -4.05 -5.93 1.06
C TRP A 45 -4.94 -7.14 1.29
N PHE A 46 -5.44 -7.69 0.19
CA PHE A 46 -6.29 -8.86 0.20
C PHE A 46 -5.63 -9.97 -0.62
N LYS A 47 -5.35 -11.08 0.01
CA LYS A 47 -4.61 -12.15 -0.65
C LYS A 47 -5.54 -13.00 -1.51
N GLY A 48 -5.40 -12.83 -2.81
CA GLY A 48 -6.23 -13.57 -3.76
C GLY A 48 -7.70 -13.26 -3.60
N LYS A 49 -8.46 -14.27 -3.20
CA LYS A 49 -9.87 -14.10 -2.94
C LYS A 49 -10.07 -13.86 -1.45
N SER A 50 -10.70 -12.75 -1.12
CA SER A 50 -10.83 -12.32 0.26
C SER A 50 -12.28 -12.02 0.62
N THR A 51 -12.49 -11.63 1.85
CA THR A 51 -13.81 -11.25 2.33
C THR A 51 -13.78 -9.82 2.85
N ALA A 52 -13.89 -8.86 1.92
CA ALA A 52 -13.90 -7.45 2.28
C ALA A 52 -14.96 -7.16 3.34
N GLY A 53 -14.50 -6.90 4.56
CA GLY A 53 -15.36 -6.73 5.71
C GLY A 53 -16.61 -5.93 5.45
N ALA A 54 -17.75 -6.62 5.51
CA ALA A 54 -19.07 -6.00 5.38
C ALA A 54 -19.23 -5.26 4.05
N GLN A 55 -18.50 -5.72 3.03
CA GLN A 55 -18.54 -5.14 1.68
C GLN A 55 -17.83 -3.78 1.64
N ASP A 56 -17.61 -3.21 2.82
CA ASP A 56 -16.96 -1.90 2.95
C ASP A 56 -15.46 -2.10 3.12
N ARG A 57 -15.05 -3.36 2.98
CA ARG A 57 -13.66 -3.78 3.04
C ARG A 57 -12.99 -3.38 4.35
N LYS A 58 -13.65 -3.72 5.45
CA LYS A 58 -13.11 -3.43 6.77
C LYS A 58 -12.36 -4.63 7.33
N LYS A 59 -12.11 -5.61 6.47
CA LYS A 59 -11.46 -6.85 6.88
C LYS A 59 -10.37 -7.22 5.86
N PRO A 60 -9.19 -6.60 5.97
CA PRO A 60 -8.07 -6.89 5.08
C PRO A 60 -7.35 -8.18 5.46
N SER A 61 -6.72 -8.78 4.46
CA SER A 61 -5.97 -10.02 4.65
C SER A 61 -4.60 -9.72 5.26
N GLY A 62 -4.30 -8.44 5.34
CA GLY A 62 -3.07 -7.98 5.94
C GLY A 62 -2.91 -6.49 5.73
N GLY A 63 -1.95 -5.90 6.42
CA GLY A 63 -1.72 -4.48 6.26
C GLY A 63 -0.83 -3.90 7.33
N PHE A 64 -0.64 -2.60 7.30
CA PHE A 64 0.22 -1.90 8.25
C PHE A 64 0.00 -0.39 8.14
N PRO A 65 0.31 0.35 9.22
CA PRO A 65 0.11 1.80 9.26
C PRO A 65 1.06 2.55 8.32
N VAL A 66 0.51 3.57 7.67
CA VAL A 66 1.25 4.35 6.68
C VAL A 66 2.35 5.17 7.35
N ASP A 67 2.07 5.66 8.54
CA ASP A 67 3.05 6.45 9.29
C ASP A 67 4.21 5.57 9.73
N LYS A 68 3.96 4.27 9.81
CA LYS A 68 4.93 3.33 10.35
C LYS A 68 5.82 2.74 9.25
N ILE A 69 5.52 3.05 8.01
CA ILE A 69 6.39 2.66 6.91
C ILE A 69 7.75 3.33 7.09
N THR A 70 8.79 2.53 7.32
CA THR A 70 10.10 3.09 7.64
C THR A 70 10.81 3.55 6.36
N SER A 71 10.52 2.90 5.24
CA SER A 71 11.14 3.25 3.97
C SER A 71 10.29 2.78 2.79
N VAL A 72 10.17 3.64 1.79
CA VAL A 72 9.47 3.33 0.56
C VAL A 72 10.42 3.53 -0.60
N LYS A 73 10.85 2.43 -1.19
CA LYS A 73 11.90 2.47 -2.19
C LYS A 73 11.59 1.54 -3.35
N SER A 74 12.37 1.70 -4.41
CA SER A 74 12.29 0.80 -5.53
C SER A 74 13.64 0.07 -5.66
N GLN A 75 13.62 -1.11 -6.25
CA GLN A 75 14.84 -1.90 -6.41
C GLN A 75 15.88 -1.17 -7.25
N ALA A 76 17.05 -1.75 -7.40
CA ALA A 76 18.12 -1.11 -8.17
C ALA A 76 17.72 -0.96 -9.64
N ASP A 77 17.17 -2.02 -10.20
CA ASP A 77 16.67 -1.99 -11.57
C ASP A 77 15.14 -1.94 -11.59
N ASN A 78 14.57 -2.49 -10.51
CA ASN A 78 13.13 -2.44 -10.21
C ASN A 78 12.20 -2.46 -11.43
N THR A 79 12.53 -3.28 -12.44
CA THR A 79 11.70 -3.35 -13.63
C THR A 79 10.24 -3.62 -13.26
N LYS A 80 9.98 -4.77 -12.64
CA LYS A 80 8.64 -5.04 -12.12
C LYS A 80 8.63 -5.16 -10.59
N VAL A 81 9.71 -4.77 -9.92
CA VAL A 81 9.84 -5.02 -8.49
C VAL A 81 9.85 -3.74 -7.66
N LEU A 82 9.10 -3.77 -6.56
CA LEU A 82 9.08 -2.68 -5.57
C LEU A 82 9.57 -3.19 -4.23
N VAL A 83 10.13 -2.32 -3.40
CA VAL A 83 10.62 -2.72 -2.08
C VAL A 83 10.19 -1.72 -1.00
N ILE A 84 9.40 -2.19 -0.05
CA ILE A 84 8.88 -1.34 1.02
C ILE A 84 9.12 -1.98 2.39
N THR A 85 9.68 -1.23 3.32
CA THR A 85 9.98 -1.76 4.64
C THR A 85 9.21 -0.97 5.71
N VAL A 86 8.78 -1.64 6.77
CA VAL A 86 7.98 -1.00 7.81
C VAL A 86 8.63 -1.14 9.19
N ASN A 87 8.44 -0.13 10.04
CA ASN A 87 8.85 -0.19 11.43
C ASN A 87 7.63 -0.11 12.34
N ASN A 88 7.75 -0.68 13.54
CA ASN A 88 6.68 -0.74 14.57
C ASN A 88 5.92 -2.08 14.49
N PRO A 89 5.17 -2.41 13.40
CA PRO A 89 4.81 -3.81 13.12
C PRO A 89 6.07 -4.64 12.95
N GLN A 90 5.93 -5.96 12.88
CA GLN A 90 7.08 -6.82 12.69
C GLN A 90 7.74 -6.50 11.36
N PRO A 91 8.98 -5.96 11.40
CA PRO A 91 9.68 -5.46 10.22
C PRO A 91 9.61 -6.43 9.05
N THR A 92 8.90 -6.02 8.03
CA THR A 92 8.73 -6.83 6.84
C THR A 92 8.95 -5.95 5.62
N THR A 93 9.52 -6.52 4.58
CA THR A 93 9.78 -5.78 3.36
C THR A 93 8.94 -6.35 2.22
N TYR A 94 7.96 -5.57 1.80
CA TYR A 94 6.99 -6.01 0.81
C TYR A 94 7.46 -5.66 -0.59
N ASN A 95 7.53 -6.67 -1.45
CA ASN A 95 7.88 -6.42 -2.84
C ASN A 95 6.62 -6.46 -3.69
N PHE A 96 6.18 -5.31 -4.13
CA PHE A 96 5.00 -5.23 -4.97
C PHE A 96 5.40 -5.45 -6.43
N THR A 97 4.98 -6.59 -6.95
CA THR A 97 5.33 -6.99 -8.31
C THR A 97 4.08 -7.17 -9.15
N PHE A 98 4.07 -6.64 -10.36
CA PHE A 98 2.92 -6.81 -11.23
C PHE A 98 3.38 -7.04 -12.67
N LYS A 99 2.45 -7.43 -13.53
CA LYS A 99 2.75 -7.66 -14.93
C LYS A 99 3.15 -6.35 -15.59
N SER A 100 2.38 -5.31 -15.30
CA SER A 100 2.60 -4.00 -15.89
C SER A 100 3.90 -3.37 -15.38
N PRO A 101 4.83 -3.04 -16.28
CA PRO A 101 6.06 -2.33 -15.93
C PRO A 101 5.79 -0.89 -15.50
N GLY A 102 4.53 -0.50 -15.43
CA GLY A 102 4.19 0.83 -14.98
C GLY A 102 3.34 0.82 -13.72
N GLU A 103 2.40 -0.13 -13.63
CA GLU A 103 1.40 -0.17 -12.56
C GLU A 103 2.02 -0.05 -11.18
N ARG A 104 3.09 -0.80 -10.96
CA ARG A 104 3.70 -0.88 -9.65
C ARG A 104 4.38 0.44 -9.29
N GLU A 105 5.06 1.02 -10.27
CA GLU A 105 5.78 2.26 -10.04
C GLU A 105 4.83 3.43 -9.83
N SER A 106 3.68 3.37 -10.49
CA SER A 106 2.60 4.31 -10.21
C SER A 106 2.20 4.21 -8.73
N TRP A 107 2.12 2.98 -8.25
CA TRP A 107 1.79 2.72 -6.86
C TRP A 107 2.93 3.23 -5.96
N GLN A 108 4.16 2.96 -6.38
CA GLN A 108 5.35 3.37 -5.65
C GLN A 108 5.36 4.86 -5.36
N GLU A 109 5.12 5.68 -6.37
CA GLU A 109 5.13 7.12 -6.18
C GLU A 109 3.88 7.61 -5.46
N GLN A 110 2.76 6.93 -5.70
CA GLN A 110 1.49 7.35 -5.12
C GLN A 110 1.45 7.13 -3.61
N ILE A 111 1.99 6.00 -3.17
CA ILE A 111 2.05 5.69 -1.76
C ILE A 111 2.93 6.70 -1.04
N GLN A 112 4.00 7.13 -1.70
CA GLN A 112 4.92 8.10 -1.12
C GLN A 112 4.19 9.39 -0.81
N SER A 113 3.42 9.85 -1.79
CA SER A 113 2.65 11.08 -1.65
C SER A 113 1.65 10.97 -0.50
N LEU A 114 1.02 9.81 -0.40
CA LEU A 114 0.07 9.54 0.68
C LEU A 114 0.79 9.49 2.03
N MET A 115 1.92 8.79 2.05
CA MET A 115 2.72 8.65 3.26
C MET A 115 3.16 10.00 3.79
N LYS A 116 3.76 10.79 2.91
CA LYS A 116 4.31 12.08 3.31
C LYS A 116 3.20 13.09 3.59
N PHE A 117 2.02 12.80 3.08
CA PHE A 117 0.87 13.67 3.30
C PHE A 117 0.40 13.62 4.75
N MET A 118 0.19 12.41 5.26
CA MET A 118 -0.30 12.25 6.63
C MET A 118 0.85 12.08 7.62
N SER A 119 1.97 11.57 7.13
CA SER A 119 3.13 11.32 7.98
C SER A 119 4.21 12.35 7.67
N MET A 120 3.78 13.56 7.32
CA MET A 120 4.69 14.66 7.06
C MET A 120 5.58 14.95 8.26
N LYS A 121 6.87 15.05 8.02
CA LYS A 121 7.84 15.22 9.10
C LYS A 121 8.20 16.69 9.24
N SER A 1 -11.08 22.20 6.84
CA SER A 1 -10.91 21.32 8.00
C SER A 1 -9.91 20.21 7.67
N ALA A 2 -8.88 20.10 8.51
CA ALA A 2 -7.76 19.19 8.27
C ALA A 2 -8.20 17.74 8.18
N SER A 3 -9.11 17.35 9.07
CA SER A 3 -9.62 15.98 9.07
C SER A 3 -10.40 15.71 7.80
N ASP A 4 -11.28 16.63 7.45
CA ASP A 4 -12.13 16.48 6.27
C ASP A 4 -11.31 16.47 4.99
N ILE A 5 -10.41 17.42 4.84
CA ILE A 5 -9.60 17.51 3.64
C ILE A 5 -8.70 16.29 3.52
N ARG A 6 -8.18 15.82 4.65
CA ARG A 6 -7.37 14.61 4.67
C ARG A 6 -8.20 13.43 4.20
N MET A 7 -9.39 13.28 4.78
CA MET A 7 -10.26 12.16 4.44
C MET A 7 -10.57 12.12 2.95
N LYS A 8 -10.79 13.28 2.33
CA LYS A 8 -11.03 13.31 0.90
C LYS A 8 -9.74 13.08 0.11
N LYS A 9 -8.63 13.59 0.64
CA LYS A 9 -7.35 13.48 -0.05
C LYS A 9 -6.80 12.06 0.02
N VAL A 10 -6.97 11.42 1.15
CA VAL A 10 -6.54 10.05 1.31
C VAL A 10 -7.38 9.13 0.43
N MET A 11 -8.64 9.49 0.22
CA MET A 11 -9.50 8.78 -0.71
C MET A 11 -9.00 8.98 -2.14
N GLN A 12 -8.54 10.20 -2.43
CA GLN A 12 -7.88 10.48 -3.70
C GLN A 12 -6.66 9.58 -3.88
N TYR A 13 -5.87 9.45 -2.83
CA TYR A 13 -4.71 8.55 -2.85
C TYR A 13 -5.15 7.09 -2.82
N ARG A 14 -6.29 6.84 -2.18
CA ARG A 14 -6.79 5.49 -1.98
C ARG A 14 -7.07 4.81 -3.31
N ARG A 15 -7.63 5.55 -4.24
CA ARG A 15 -7.87 5.03 -5.59
C ARG A 15 -6.56 4.62 -6.24
N ALA A 16 -5.52 5.39 -5.98
CA ALA A 16 -4.22 5.17 -6.59
C ALA A 16 -3.44 4.09 -5.85
N LEU A 17 -3.91 3.73 -4.67
CA LEU A 17 -3.31 2.65 -3.91
C LEU A 17 -4.12 1.37 -4.05
N THR A 18 -5.36 1.50 -4.52
CA THR A 18 -6.21 0.35 -4.74
C THR A 18 -5.88 -0.32 -6.07
N LYS A 19 -5.22 -1.46 -5.98
CA LYS A 19 -4.67 -2.14 -7.16
C LYS A 19 -4.68 -3.64 -6.95
N VAL A 20 -4.40 -4.37 -8.01
CA VAL A 20 -4.05 -5.77 -7.88
C VAL A 20 -2.56 -5.92 -8.15
N VAL A 21 -1.86 -6.55 -7.22
CA VAL A 21 -0.41 -6.62 -7.29
C VAL A 21 0.07 -7.92 -6.62
N LYS A 22 1.23 -8.39 -7.01
CA LYS A 22 1.72 -9.66 -6.51
C LYS A 22 2.84 -9.43 -5.50
N LEU A 23 2.63 -9.92 -4.29
CA LEU A 23 3.61 -9.76 -3.22
C LEU A 23 4.61 -10.89 -3.22
N LYS A 24 5.87 -10.54 -3.01
CA LYS A 24 6.95 -11.53 -2.96
C LYS A 24 7.93 -11.17 -1.84
N THR A 25 7.90 -11.90 -0.75
CA THR A 25 8.79 -11.61 0.36
C THR A 25 8.78 -12.75 1.39
N HIS A 26 9.36 -12.51 2.57
CA HIS A 26 9.36 -13.48 3.67
C HIS A 26 7.94 -13.86 4.05
N LEU A 27 7.02 -12.95 3.75
CA LEU A 27 5.60 -13.18 4.00
C LEU A 27 5.09 -14.33 3.13
N PHE A 28 5.24 -14.18 1.82
CA PHE A 28 4.83 -15.20 0.86
C PHE A 28 5.02 -14.66 -0.55
N SER A 29 4.53 -15.40 -1.54
CA SER A 29 4.53 -14.91 -2.91
C SER A 29 3.24 -15.30 -3.62
N GLU A 30 2.30 -14.36 -3.68
CA GLU A 30 1.00 -14.58 -4.30
C GLU A 30 0.41 -13.24 -4.73
N THR A 31 -0.65 -13.28 -5.52
CA THR A 31 -1.28 -12.07 -6.01
C THR A 31 -2.26 -11.52 -4.97
N VAL A 32 -2.10 -10.25 -4.64
CA VAL A 32 -2.90 -9.63 -3.60
C VAL A 32 -3.58 -8.37 -4.14
N LYS A 33 -4.64 -7.95 -3.49
CA LYS A 33 -5.25 -6.67 -3.82
C LYS A 33 -4.84 -5.63 -2.79
N VAL A 34 -4.20 -4.58 -3.26
CA VAL A 34 -3.61 -3.58 -2.37
C VAL A 34 -4.52 -2.35 -2.31
N THR A 35 -4.46 -1.64 -1.20
CA THR A 35 -5.28 -0.46 -0.98
C THR A 35 -4.92 0.17 0.37
N CYS A 36 -5.68 1.16 0.80
CA CYS A 36 -5.45 1.79 2.09
C CYS A 36 -6.78 2.03 2.79
N SER A 37 -6.72 2.37 4.08
CA SER A 37 -7.92 2.60 4.86
C SER A 37 -8.61 3.91 4.44
N LYS A 38 -9.75 4.21 5.07
CA LYS A 38 -10.54 5.38 4.70
C LYS A 38 -9.83 6.67 5.08
N ASP A 39 -9.10 6.64 6.18
CA ASP A 39 -8.36 7.82 6.64
C ASP A 39 -6.96 7.81 6.06
N GLY A 40 -6.65 6.78 5.28
CA GLY A 40 -5.34 6.66 4.69
C GLY A 40 -4.28 6.32 5.72
N GLU A 41 -4.71 6.00 6.93
CA GLU A 41 -3.80 5.74 8.03
C GLU A 41 -3.12 4.39 7.86
N GLU A 42 -3.82 3.47 7.21
CA GLU A 42 -3.33 2.11 7.05
C GLU A 42 -3.22 1.73 5.59
N VAL A 43 -2.22 0.93 5.28
CA VAL A 43 -2.13 0.28 3.98
C VAL A 43 -2.53 -1.17 4.15
N GLN A 44 -3.56 -1.60 3.45
CA GLN A 44 -4.09 -2.93 3.64
C GLN A 44 -4.16 -3.67 2.31
N TRP A 45 -4.26 -4.99 2.40
CA TRP A 45 -4.30 -5.81 1.21
C TRP A 45 -5.16 -7.05 1.42
N PHE A 46 -5.60 -7.63 0.33
CA PHE A 46 -6.37 -8.85 0.35
C PHE A 46 -5.61 -9.93 -0.42
N LYS A 47 -4.97 -10.83 0.32
CA LYS A 47 -4.11 -11.84 -0.28
C LYS A 47 -4.95 -12.91 -0.97
N GLY A 48 -4.57 -13.24 -2.19
CA GLY A 48 -5.30 -14.23 -2.97
C GLY A 48 -6.66 -13.72 -3.37
N LYS A 49 -7.69 -14.15 -2.65
CA LYS A 49 -9.04 -13.69 -2.90
C LYS A 49 -9.76 -13.57 -1.56
N SER A 50 -9.12 -12.88 -0.63
CA SER A 50 -9.63 -12.73 0.72
C SER A 50 -10.92 -11.92 0.74
N THR A 51 -11.89 -12.39 1.51
CA THR A 51 -13.19 -11.76 1.62
C THR A 51 -13.12 -10.38 2.28
N ALA A 52 -13.85 -9.44 1.71
CA ALA A 52 -13.95 -8.09 2.27
C ALA A 52 -14.91 -8.07 3.46
N GLY A 53 -14.37 -7.73 4.63
CA GLY A 53 -15.15 -7.65 5.84
C GLY A 53 -16.38 -6.78 5.72
N ALA A 54 -17.51 -7.35 6.10
CA ALA A 54 -18.80 -6.63 6.14
C ALA A 54 -19.09 -5.86 4.87
N GLN A 55 -18.67 -6.42 3.72
CA GLN A 55 -18.91 -5.83 2.39
C GLN A 55 -18.09 -4.56 2.15
N ASP A 56 -18.03 -3.70 3.16
CA ASP A 56 -17.32 -2.42 3.05
C ASP A 56 -15.80 -2.65 3.20
N ARG A 57 -15.42 -3.92 3.22
CA ARG A 57 -14.04 -4.34 3.37
C ARG A 57 -13.49 -3.85 4.71
N LYS A 58 -14.13 -4.27 5.79
CA LYS A 58 -13.71 -3.91 7.14
C LYS A 58 -12.62 -4.88 7.59
N LYS A 59 -12.53 -5.97 6.86
CA LYS A 59 -11.63 -7.06 7.20
C LYS A 59 -10.64 -7.31 6.07
N PRO A 60 -9.45 -6.70 6.16
CA PRO A 60 -8.36 -6.93 5.23
C PRO A 60 -7.58 -8.19 5.58
N SER A 61 -6.77 -8.65 4.64
CA SER A 61 -5.98 -9.85 4.82
C SER A 61 -4.60 -9.49 5.39
N GLY A 62 -4.43 -8.21 5.69
CA GLY A 62 -3.20 -7.72 6.24
C GLY A 62 -3.12 -6.21 6.09
N GLY A 63 -2.21 -5.59 6.80
CA GLY A 63 -2.11 -4.15 6.72
C GLY A 63 -1.17 -3.57 7.75
N PHE A 64 -0.64 -2.40 7.45
CA PHE A 64 0.28 -1.72 8.35
C PHE A 64 0.08 -0.20 8.26
N PRO A 65 0.41 0.54 9.32
CA PRO A 65 0.19 1.97 9.37
C PRO A 65 1.15 2.73 8.47
N VAL A 66 0.61 3.74 7.81
CA VAL A 66 1.33 4.54 6.83
C VAL A 66 2.47 5.34 7.46
N ASP A 67 2.25 5.83 8.68
CA ASP A 67 3.26 6.59 9.39
C ASP A 67 4.37 5.67 9.91
N LYS A 68 4.08 4.38 9.96
CA LYS A 68 5.02 3.42 10.52
C LYS A 68 5.93 2.85 9.44
N ILE A 69 5.64 3.16 8.19
CA ILE A 69 6.49 2.73 7.09
C ILE A 69 7.85 3.40 7.21
N THR A 70 8.92 2.61 7.24
CA THR A 70 10.24 3.15 7.47
C THR A 70 10.85 3.68 6.18
N SER A 71 10.64 2.97 5.07
CA SER A 71 11.22 3.36 3.79
C SER A 71 10.47 2.71 2.63
N VAL A 72 10.22 3.51 1.59
CA VAL A 72 9.56 3.05 0.38
C VAL A 72 10.49 3.24 -0.81
N LYS A 73 11.06 2.16 -1.31
CA LYS A 73 12.03 2.22 -2.37
C LYS A 73 11.63 1.35 -3.57
N SER A 74 12.32 1.56 -4.67
CA SER A 74 12.23 0.66 -5.80
C SER A 74 13.54 -0.14 -5.90
N GLN A 75 13.47 -1.33 -6.49
CA GLN A 75 14.65 -2.20 -6.61
C GLN A 75 15.74 -1.53 -7.44
N ALA A 76 16.92 -2.14 -7.50
CA ALA A 76 18.03 -1.56 -8.24
C ALA A 76 17.68 -1.35 -9.71
N ASP A 77 17.08 -2.38 -10.31
CA ASP A 77 16.63 -2.29 -11.70
C ASP A 77 15.11 -2.24 -11.76
N ASN A 78 14.50 -2.80 -10.71
CA ASN A 78 13.05 -2.77 -10.45
C ASN A 78 12.17 -2.79 -11.72
N THR A 79 12.50 -3.64 -12.68
CA THR A 79 11.69 -3.71 -13.90
C THR A 79 10.21 -3.86 -13.55
N LYS A 80 9.87 -4.91 -12.81
CA LYS A 80 8.52 -5.03 -12.29
C LYS A 80 8.45 -5.03 -10.75
N VAL A 81 9.57 -4.82 -10.06
CA VAL A 81 9.62 -5.06 -8.61
C VAL A 81 9.75 -3.78 -7.78
N LEU A 82 8.96 -3.70 -6.72
CA LEU A 82 9.03 -2.61 -5.73
C LEU A 82 9.53 -3.15 -4.39
N VAL A 83 10.18 -2.32 -3.58
CA VAL A 83 10.66 -2.75 -2.27
C VAL A 83 10.28 -1.74 -1.17
N ILE A 84 9.35 -2.13 -0.31
CA ILE A 84 8.85 -1.27 0.75
C ILE A 84 9.08 -1.93 2.11
N THR A 85 9.62 -1.18 3.06
CA THR A 85 9.90 -1.73 4.38
C THR A 85 9.21 -0.90 5.46
N VAL A 86 8.75 -1.57 6.50
CA VAL A 86 8.07 -0.92 7.61
C VAL A 86 8.81 -1.16 8.93
N ASN A 87 8.80 -0.15 9.81
CA ASN A 87 9.46 -0.30 11.11
C ASN A 87 8.55 0.15 12.24
N ASN A 88 7.90 -0.83 12.84
CA ASN A 88 7.09 -0.68 14.07
C ASN A 88 6.22 -1.94 14.23
N PRO A 89 5.38 -2.29 13.22
CA PRO A 89 4.88 -3.66 13.06
C PRO A 89 6.05 -4.63 12.89
N GLN A 90 5.76 -5.93 12.85
CA GLN A 90 6.81 -6.92 12.69
C GLN A 90 7.55 -6.67 11.38
N PRO A 91 8.88 -6.55 11.46
CA PRO A 91 9.72 -6.13 10.33
C PRO A 91 9.46 -6.95 9.07
N THR A 92 8.89 -6.28 8.08
CA THR A 92 8.57 -6.93 6.82
C THR A 92 8.86 -5.97 5.67
N THR A 93 9.31 -6.54 4.56
CA THR A 93 9.59 -5.77 3.37
C THR A 93 8.74 -6.28 2.22
N TYR A 94 7.76 -5.48 1.84
CA TYR A 94 6.79 -5.87 0.85
C TYR A 94 7.28 -5.51 -0.53
N ASN A 95 7.38 -6.51 -1.38
CA ASN A 95 7.79 -6.30 -2.74
C ASN A 95 6.60 -6.40 -3.67
N PHE A 96 6.15 -5.25 -4.10
CA PHE A 96 4.97 -5.18 -4.96
C PHE A 96 5.39 -5.38 -6.40
N THR A 97 4.97 -6.49 -6.97
CA THR A 97 5.31 -6.82 -8.34
C THR A 97 4.05 -6.98 -9.17
N PHE A 98 4.06 -6.43 -10.37
CA PHE A 98 2.96 -6.62 -11.29
C PHE A 98 3.51 -6.82 -12.69
N LYS A 99 2.66 -7.24 -13.61
CA LYS A 99 3.08 -7.43 -14.98
C LYS A 99 3.45 -6.10 -15.61
N SER A 100 2.58 -5.12 -15.40
CA SER A 100 2.69 -3.81 -16.03
C SER A 100 3.85 -3.00 -15.45
N PRO A 101 4.90 -2.75 -16.25
CA PRO A 101 6.04 -1.90 -15.88
C PRO A 101 5.63 -0.46 -15.60
N GLY A 102 4.33 -0.18 -15.64
CA GLY A 102 3.85 1.12 -15.24
C GLY A 102 3.08 1.06 -13.93
N GLU A 103 2.29 0.00 -13.76
CA GLU A 103 1.36 -0.12 -12.63
C GLU A 103 2.06 0.03 -11.28
N ARG A 104 3.12 -0.75 -11.07
CA ARG A 104 3.78 -0.79 -9.76
C ARG A 104 4.48 0.53 -9.44
N GLU A 105 5.21 1.06 -10.41
CA GLU A 105 5.93 2.32 -10.22
C GLU A 105 4.99 3.48 -9.93
N SER A 106 3.81 3.44 -10.53
CA SER A 106 2.77 4.40 -10.20
C SER A 106 2.36 4.25 -8.73
N TRP A 107 2.29 3.00 -8.27
CA TRP A 107 1.96 2.71 -6.88
C TRP A 107 3.07 3.22 -5.97
N GLN A 108 4.30 3.01 -6.42
CA GLN A 108 5.51 3.40 -5.69
C GLN A 108 5.50 4.87 -5.30
N GLU A 109 5.27 5.74 -6.28
CA GLU A 109 5.26 7.18 -6.02
C GLU A 109 3.99 7.60 -5.28
N GLN A 110 2.90 6.89 -5.54
CA GLN A 110 1.61 7.23 -4.97
C GLN A 110 1.57 6.96 -3.48
N ILE A 111 2.06 5.80 -3.08
CA ILE A 111 2.06 5.42 -1.67
C ILE A 111 2.87 6.41 -0.84
N GLN A 112 4.05 6.76 -1.35
CA GLN A 112 4.95 7.63 -0.59
C GLN A 112 4.40 9.04 -0.52
N SER A 113 3.62 9.43 -1.52
CA SER A 113 2.96 10.72 -1.52
C SER A 113 1.89 10.77 -0.44
N LEU A 114 1.14 9.69 -0.31
CA LEU A 114 0.12 9.57 0.74
C LEU A 114 0.79 9.59 2.10
N MET A 115 1.90 8.86 2.21
CA MET A 115 2.67 8.80 3.46
C MET A 115 3.06 10.19 3.93
N LYS A 116 3.68 10.93 3.03
CA LYS A 116 4.20 12.25 3.36
C LYS A 116 3.05 13.21 3.67
N PHE A 117 1.97 13.11 2.93
CA PHE A 117 0.84 14.02 3.10
C PHE A 117 0.36 14.10 4.55
N MET A 118 0.35 12.95 5.22
CA MET A 118 -0.14 12.90 6.59
C MET A 118 0.99 12.73 7.60
N SER A 119 2.13 12.20 7.15
CA SER A 119 3.25 11.94 8.05
C SER A 119 4.25 13.10 8.04
N MET A 120 4.08 14.02 7.11
CA MET A 120 4.93 15.21 7.08
C MET A 120 4.62 16.11 8.27
N LYS A 121 5.38 15.92 9.34
CA LYS A 121 5.19 16.68 10.56
C LYS A 121 6.09 17.90 10.57
N SER A 1 -8.94 22.44 6.38
CA SER A 1 -8.47 21.92 7.67
C SER A 1 -7.77 20.59 7.47
N ALA A 2 -6.60 20.44 8.10
CA ALA A 2 -5.69 19.32 7.80
C ALA A 2 -6.36 17.96 7.86
N SER A 3 -6.97 17.63 8.98
CA SER A 3 -7.55 16.31 9.17
C SER A 3 -8.79 16.12 8.30
N ASP A 4 -9.61 17.15 8.19
CA ASP A 4 -10.85 17.08 7.41
C ASP A 4 -10.56 16.91 5.93
N ILE A 5 -9.63 17.71 5.41
CA ILE A 5 -9.26 17.61 4.01
C ILE A 5 -8.58 16.27 3.73
N ARG A 6 -7.77 15.83 4.68
CA ARG A 6 -7.02 14.61 4.53
C ARG A 6 -7.93 13.42 4.33
N MET A 7 -9.01 13.35 5.10
CA MET A 7 -9.92 12.22 5.01
C MET A 7 -10.50 12.09 3.61
N LYS A 8 -10.83 13.20 2.98
CA LYS A 8 -11.28 13.17 1.59
C LYS A 8 -10.09 12.98 0.65
N LYS A 9 -8.96 13.57 1.00
CA LYS A 9 -7.79 13.61 0.11
C LYS A 9 -7.10 12.27 0.03
N VAL A 10 -7.15 11.53 1.12
CA VAL A 10 -6.65 10.17 1.11
C VAL A 10 -7.48 9.33 0.17
N MET A 11 -8.75 9.70 0.02
CA MET A 11 -9.64 9.06 -0.95
C MET A 11 -9.06 9.15 -2.36
N GLN A 12 -8.50 10.31 -2.71
CA GLN A 12 -7.76 10.47 -3.94
C GLN A 12 -6.62 9.46 -4.03
N TYR A 13 -5.84 9.41 -2.97
CA TYR A 13 -4.69 8.52 -2.90
C TYR A 13 -5.13 7.05 -2.83
N ARG A 14 -6.29 6.82 -2.26
CA ARG A 14 -6.81 5.48 -2.04
C ARG A 14 -7.08 4.79 -3.36
N ARG A 15 -7.56 5.54 -4.33
CA ARG A 15 -7.82 4.99 -5.65
C ARG A 15 -6.51 4.65 -6.35
N ALA A 16 -5.48 5.42 -6.04
CA ALA A 16 -4.16 5.20 -6.60
C ALA A 16 -3.42 4.10 -5.85
N LEU A 17 -3.89 3.81 -4.64
CA LEU A 17 -3.32 2.76 -3.83
C LEU A 17 -4.12 1.46 -3.94
N THR A 18 -5.33 1.56 -4.48
CA THR A 18 -6.14 0.37 -4.71
C THR A 18 -5.77 -0.26 -6.05
N LYS A 19 -5.04 -1.36 -5.98
CA LYS A 19 -4.53 -2.05 -7.17
C LYS A 19 -4.47 -3.54 -6.92
N VAL A 20 -4.27 -4.30 -7.97
CA VAL A 20 -3.94 -5.70 -7.84
C VAL A 20 -2.45 -5.87 -8.08
N VAL A 21 -1.77 -6.52 -7.15
CA VAL A 21 -0.33 -6.64 -7.21
C VAL A 21 0.12 -7.94 -6.54
N LYS A 22 1.20 -8.51 -7.00
CA LYS A 22 1.68 -9.77 -6.49
C LYS A 22 2.83 -9.54 -5.52
N LEU A 23 2.66 -10.02 -4.29
CA LEU A 23 3.68 -9.86 -3.26
C LEU A 23 4.67 -11.01 -3.29
N LYS A 24 5.94 -10.68 -3.09
CA LYS A 24 7.00 -11.69 -3.07
C LYS A 24 8.03 -11.34 -2.02
N THR A 25 8.03 -12.07 -0.93
CA THR A 25 8.98 -11.82 0.15
C THR A 25 8.95 -12.97 1.16
N HIS A 26 9.54 -12.77 2.34
CA HIS A 26 9.56 -13.78 3.39
C HIS A 26 8.12 -14.07 3.87
N LEU A 27 7.24 -13.14 3.58
CA LEU A 27 5.81 -13.27 3.85
C LEU A 27 5.25 -14.41 3.03
N PHE A 28 5.26 -14.22 1.71
CA PHE A 28 4.83 -15.24 0.75
C PHE A 28 4.98 -14.72 -0.66
N SER A 29 4.51 -15.51 -1.62
CA SER A 29 4.42 -15.06 -2.99
C SER A 29 3.01 -15.36 -3.52
N GLU A 30 2.18 -14.33 -3.53
CA GLU A 30 0.78 -14.46 -3.93
C GLU A 30 0.28 -13.15 -4.50
N THR A 31 -0.79 -13.21 -5.28
CA THR A 31 -1.38 -12.01 -5.85
C THR A 31 -2.38 -11.41 -4.87
N VAL A 32 -2.18 -10.17 -4.52
CA VAL A 32 -2.99 -9.50 -3.52
C VAL A 32 -3.56 -8.20 -4.08
N LYS A 33 -4.63 -7.72 -3.47
CA LYS A 33 -5.14 -6.42 -3.83
C LYS A 33 -4.75 -5.42 -2.75
N VAL A 34 -4.06 -4.38 -3.13
CA VAL A 34 -3.54 -3.43 -2.17
C VAL A 34 -4.43 -2.20 -2.12
N THR A 35 -4.39 -1.50 -0.99
CA THR A 35 -5.22 -0.34 -0.78
C THR A 35 -4.84 0.32 0.54
N CYS A 36 -5.51 1.41 0.88
CA CYS A 36 -5.32 2.03 2.16
C CYS A 36 -6.66 2.15 2.88
N SER A 37 -6.63 2.53 4.14
CA SER A 37 -7.85 2.64 4.91
C SER A 37 -8.67 3.85 4.46
N LYS A 38 -9.81 4.10 5.10
CA LYS A 38 -10.68 5.19 4.69
C LYS A 38 -10.05 6.53 5.01
N ASP A 39 -9.21 6.54 6.05
CA ASP A 39 -8.49 7.74 6.43
C ASP A 39 -7.11 7.73 5.79
N GLY A 40 -6.81 6.69 5.03
CA GLY A 40 -5.51 6.58 4.38
C GLY A 40 -4.40 6.21 5.35
N GLU A 41 -4.76 6.03 6.61
CA GLU A 41 -3.78 5.88 7.68
C GLU A 41 -3.18 4.46 7.71
N GLU A 42 -3.83 3.53 7.06
CA GLU A 42 -3.32 2.16 6.99
C GLU A 42 -3.20 1.70 5.56
N VAL A 43 -2.18 0.89 5.30
CA VAL A 43 -2.03 0.24 4.01
C VAL A 43 -2.37 -1.23 4.17
N GLN A 44 -3.49 -1.64 3.61
CA GLN A 44 -3.96 -3.00 3.80
C GLN A 44 -4.10 -3.69 2.45
N TRP A 45 -4.14 -5.01 2.48
CA TRP A 45 -4.21 -5.78 1.26
C TRP A 45 -5.13 -6.97 1.39
N PHE A 46 -5.86 -7.24 0.31
CA PHE A 46 -6.72 -8.40 0.24
C PHE A 46 -6.03 -9.44 -0.61
N LYS A 47 -5.45 -10.44 0.06
CA LYS A 47 -4.75 -11.52 -0.62
C LYS A 47 -5.74 -12.31 -1.45
N GLY A 48 -5.23 -13.10 -2.39
CA GLY A 48 -6.08 -13.82 -3.32
C GLY A 48 -6.84 -14.97 -2.67
N LYS A 49 -7.20 -14.80 -1.41
CA LYS A 49 -7.96 -15.78 -0.65
C LYS A 49 -9.03 -15.05 0.15
N SER A 50 -9.15 -13.75 -0.09
CA SER A 50 -10.15 -12.89 0.53
C SER A 50 -10.40 -11.68 -0.35
N THR A 51 -11.62 -11.55 -0.87
CA THR A 51 -11.96 -10.47 -1.78
C THR A 51 -12.43 -9.22 -1.02
N ALA A 52 -13.37 -9.41 -0.11
CA ALA A 52 -13.97 -8.30 0.62
C ALA A 52 -14.75 -8.80 1.84
N GLY A 53 -14.51 -8.16 2.98
CA GLY A 53 -15.23 -8.50 4.18
C GLY A 53 -16.65 -7.98 4.16
N ALA A 54 -17.60 -8.92 4.11
CA ALA A 54 -19.03 -8.62 4.16
C ALA A 54 -19.44 -7.60 3.12
N GLN A 55 -19.01 -7.82 1.88
CA GLN A 55 -19.37 -6.98 0.73
C GLN A 55 -18.70 -5.61 0.77
N ASP A 56 -18.78 -4.94 1.91
CA ASP A 56 -18.25 -3.59 2.05
C ASP A 56 -16.74 -3.60 2.30
N ARG A 57 -16.14 -4.77 2.10
CA ARG A 57 -14.69 -4.99 2.19
C ARG A 57 -14.12 -4.55 3.54
N LYS A 58 -14.61 -5.12 4.63
CA LYS A 58 -14.05 -4.79 5.94
C LYS A 58 -13.13 -5.91 6.42
N LYS A 59 -12.62 -6.69 5.49
CA LYS A 59 -11.76 -7.81 5.85
C LYS A 59 -10.52 -7.87 4.98
N PRO A 60 -9.54 -7.00 5.25
CA PRO A 60 -8.21 -7.13 4.67
C PRO A 60 -7.47 -8.29 5.32
N SER A 61 -6.66 -8.99 4.53
CA SER A 61 -5.96 -10.15 5.04
C SER A 61 -4.58 -9.76 5.58
N GLY A 62 -4.36 -8.46 5.66
CA GLY A 62 -3.12 -7.94 6.17
C GLY A 62 -3.02 -6.44 5.95
N GLY A 63 -2.06 -5.82 6.60
CA GLY A 63 -1.88 -4.40 6.45
C GLY A 63 -0.94 -3.83 7.49
N PHE A 64 -0.57 -2.57 7.32
CA PHE A 64 0.30 -1.89 8.26
C PHE A 64 0.09 -0.39 8.18
N PRO A 65 0.39 0.35 9.27
CA PRO A 65 0.17 1.80 9.33
C PRO A 65 1.10 2.58 8.41
N VAL A 66 0.54 3.59 7.77
CA VAL A 66 1.26 4.45 6.84
C VAL A 66 2.37 5.23 7.53
N ASP A 67 2.09 5.68 8.74
CA ASP A 67 3.07 6.45 9.51
C ASP A 67 4.25 5.57 9.92
N LYS A 68 4.04 4.26 9.93
CA LYS A 68 5.05 3.33 10.41
C LYS A 68 5.93 2.80 9.29
N ILE A 69 5.58 3.12 8.05
CA ILE A 69 6.40 2.74 6.91
C ILE A 69 7.76 3.44 7.00
N THR A 70 8.83 2.68 7.15
CA THR A 70 10.15 3.28 7.34
C THR A 70 10.74 3.74 6.02
N SER A 71 10.50 2.99 4.95
CA SER A 71 11.04 3.33 3.65
C SER A 71 10.23 2.70 2.52
N VAL A 72 9.98 3.50 1.50
CA VAL A 72 9.35 3.03 0.28
C VAL A 72 10.27 3.31 -0.89
N LYS A 73 10.88 2.27 -1.43
CA LYS A 73 11.85 2.44 -2.51
C LYS A 73 11.54 1.48 -3.65
N SER A 74 12.14 1.74 -4.78
CA SER A 74 12.11 0.82 -5.88
C SER A 74 13.50 0.21 -6.05
N GLN A 75 13.57 -0.98 -6.62
CA GLN A 75 14.84 -1.69 -6.81
C GLN A 75 15.79 -0.91 -7.72
N ALA A 76 16.99 -1.46 -7.95
CA ALA A 76 17.99 -0.78 -8.76
C ALA A 76 17.47 -0.45 -10.16
N ASP A 77 16.82 -1.43 -10.78
CA ASP A 77 16.18 -1.23 -12.07
C ASP A 77 14.68 -1.45 -11.91
N ASN A 78 14.33 -2.20 -10.87
CA ASN A 78 12.95 -2.41 -10.45
C ASN A 78 11.99 -2.62 -11.61
N THR A 79 12.36 -3.51 -12.53
CA THR A 79 11.54 -3.79 -13.70
C THR A 79 10.09 -4.01 -13.27
N LYS A 80 9.85 -5.10 -12.57
CA LYS A 80 8.55 -5.32 -11.97
C LYS A 80 8.61 -5.32 -10.44
N VAL A 81 9.77 -4.99 -9.87
CA VAL A 81 10.03 -5.23 -8.46
C VAL A 81 10.05 -3.95 -7.62
N LEU A 82 9.21 -3.91 -6.58
CA LEU A 82 9.19 -2.81 -5.62
C LEU A 82 9.69 -3.31 -4.26
N VAL A 83 10.28 -2.43 -3.46
CA VAL A 83 10.78 -2.81 -2.15
C VAL A 83 10.35 -1.80 -1.06
N ILE A 84 9.47 -2.25 -0.18
CA ILE A 84 8.92 -1.39 0.88
C ILE A 84 9.16 -2.03 2.25
N THR A 85 9.66 -1.25 3.20
CA THR A 85 9.96 -1.75 4.53
C THR A 85 9.23 -0.92 5.60
N VAL A 86 8.83 -1.57 6.69
CA VAL A 86 8.10 -0.90 7.76
C VAL A 86 8.84 -1.01 9.10
N ASN A 87 8.73 0.04 9.93
CA ASN A 87 9.30 0.03 11.28
C ASN A 87 8.20 0.15 12.31
N ASN A 88 8.42 -0.44 13.50
CA ASN A 88 7.49 -0.44 14.63
C ASN A 88 6.63 -1.73 14.64
N PRO A 89 5.72 -1.98 13.65
CA PRO A 89 5.17 -3.32 13.44
C PRO A 89 6.28 -4.32 13.16
N GLN A 90 5.92 -5.60 13.12
CA GLN A 90 6.91 -6.65 12.90
C GLN A 90 7.58 -6.44 11.53
N PRO A 91 8.91 -6.18 11.55
CA PRO A 91 9.66 -5.79 10.36
C PRO A 91 9.41 -6.70 9.17
N THR A 92 8.91 -6.09 8.11
CA THR A 92 8.60 -6.81 6.90
C THR A 92 8.90 -5.94 5.69
N THR A 93 9.40 -6.55 4.64
CA THR A 93 9.70 -5.83 3.41
C THR A 93 8.89 -6.41 2.26
N TYR A 94 7.93 -5.64 1.81
CA TYR A 94 6.98 -6.10 0.81
C TYR A 94 7.46 -5.74 -0.58
N ASN A 95 7.54 -6.74 -1.44
CA ASN A 95 7.89 -6.51 -2.84
C ASN A 95 6.64 -6.55 -3.68
N PHE A 96 6.19 -5.38 -4.12
CA PHE A 96 5.01 -5.31 -4.95
C PHE A 96 5.40 -5.53 -6.40
N THR A 97 4.98 -6.65 -6.95
CA THR A 97 5.30 -7.02 -8.30
C THR A 97 4.04 -7.18 -9.15
N PHE A 98 4.06 -6.68 -10.37
CA PHE A 98 2.94 -6.83 -11.26
C PHE A 98 3.43 -7.09 -12.68
N LYS A 99 2.50 -7.37 -13.57
CA LYS A 99 2.83 -7.58 -14.98
C LYS A 99 3.33 -6.27 -15.56
N SER A 100 2.51 -5.27 -15.37
CA SER A 100 2.68 -3.98 -16.00
C SER A 100 3.81 -3.18 -15.36
N PRO A 101 4.94 -3.00 -16.09
CA PRO A 101 6.13 -2.31 -15.59
C PRO A 101 5.90 -0.82 -15.34
N GLY A 102 4.66 -0.38 -15.50
CA GLY A 102 4.29 0.97 -15.11
C GLY A 102 3.41 0.97 -13.86
N GLU A 103 2.60 -0.08 -13.72
CA GLU A 103 1.57 -0.14 -12.69
C GLU A 103 2.15 -0.05 -11.28
N ARG A 104 3.14 -0.90 -11.00
CA ARG A 104 3.73 -0.95 -9.66
C ARG A 104 4.34 0.41 -9.30
N GLU A 105 5.00 1.04 -10.25
CA GLU A 105 5.65 2.32 -10.02
C GLU A 105 4.64 3.43 -9.77
N SER A 106 3.51 3.37 -10.46
CA SER A 106 2.41 4.28 -10.19
C SER A 106 1.99 4.16 -8.72
N TRP A 107 2.09 2.96 -8.19
CA TRP A 107 1.80 2.70 -6.79
C TRP A 107 2.92 3.27 -5.93
N GLN A 108 4.15 2.94 -6.34
CA GLN A 108 5.37 3.35 -5.65
C GLN A 108 5.40 4.85 -5.38
N GLU A 109 5.16 5.64 -6.40
CA GLU A 109 5.23 7.10 -6.26
C GLU A 109 4.05 7.63 -5.47
N GLN A 110 2.90 7.00 -5.63
CA GLN A 110 1.66 7.47 -5.04
C GLN A 110 1.62 7.25 -3.54
N ILE A 111 2.09 6.09 -3.11
CA ILE A 111 2.11 5.77 -1.70
C ILE A 111 3.01 6.73 -0.93
N GLN A 112 4.12 7.11 -1.54
CA GLN A 112 5.07 8.03 -0.91
C GLN A 112 4.41 9.38 -0.66
N SER A 113 3.65 9.84 -1.65
CA SER A 113 2.92 11.09 -1.54
C SER A 113 1.92 11.03 -0.39
N LEU A 114 1.22 9.90 -0.28
CA LEU A 114 0.21 9.71 0.76
C LEU A 114 0.89 9.68 2.14
N MET A 115 1.97 8.93 2.25
CA MET A 115 2.71 8.80 3.50
C MET A 115 3.14 10.16 4.03
N LYS A 116 3.80 10.93 3.18
CA LYS A 116 4.36 12.20 3.58
C LYS A 116 3.28 13.27 3.77
N PHE A 117 2.11 13.01 3.22
CA PHE A 117 0.99 13.93 3.34
C PHE A 117 0.44 13.93 4.77
N MET A 118 0.25 12.75 5.33
CA MET A 118 -0.33 12.63 6.66
C MET A 118 0.75 12.44 7.72
N SER A 119 1.79 11.70 7.38
CA SER A 119 2.85 11.40 8.32
C SER A 119 3.94 12.47 8.22
N MET A 120 3.54 13.69 7.91
CA MET A 120 4.47 14.79 7.78
C MET A 120 4.81 15.36 9.15
N LYS A 121 6.11 15.45 9.43
CA LYS A 121 6.59 16.02 10.68
C LYS A 121 7.48 17.20 10.38
N SER A 1 -11.16 22.03 6.16
CA SER A 1 -10.88 21.28 7.41
C SER A 1 -9.76 20.28 7.16
N ALA A 2 -8.75 20.33 8.02
CA ALA A 2 -7.58 19.46 7.90
C ALA A 2 -7.96 18.00 7.97
N SER A 3 -8.84 17.66 8.89
CA SER A 3 -9.32 16.31 9.05
C SER A 3 -10.17 15.89 7.86
N ASP A 4 -11.08 16.77 7.44
CA ASP A 4 -11.98 16.47 6.33
C ASP A 4 -11.22 16.37 5.02
N ILE A 5 -10.35 17.33 4.76
CA ILE A 5 -9.58 17.35 3.53
C ILE A 5 -8.69 16.13 3.45
N ARG A 6 -8.16 15.70 4.59
CA ARG A 6 -7.33 14.51 4.64
C ARG A 6 -8.12 13.30 4.16
N MET A 7 -9.30 13.11 4.72
CA MET A 7 -10.17 12.00 4.32
C MET A 7 -10.45 12.09 2.82
N LYS A 8 -10.56 13.32 2.35
CA LYS A 8 -10.80 13.63 0.95
C LYS A 8 -9.55 13.37 0.11
N LYS A 9 -8.39 13.69 0.63
CA LYS A 9 -7.14 13.46 -0.08
C LYS A 9 -6.74 11.99 -0.04
N VAL A 10 -6.92 11.36 1.11
CA VAL A 10 -6.56 9.96 1.25
C VAL A 10 -7.46 9.09 0.40
N MET A 11 -8.72 9.50 0.18
CA MET A 11 -9.61 8.74 -0.68
C MET A 11 -9.11 8.78 -2.12
N GLN A 12 -8.49 9.90 -2.48
CA GLN A 12 -7.84 10.05 -3.78
C GLN A 12 -6.67 9.09 -3.87
N TYR A 13 -5.83 9.11 -2.84
CA TYR A 13 -4.68 8.23 -2.75
C TYR A 13 -5.12 6.77 -2.66
N ARG A 14 -6.22 6.53 -1.96
CA ARG A 14 -6.74 5.19 -1.78
C ARG A 14 -7.02 4.55 -3.13
N ARG A 15 -7.63 5.33 -4.03
CA ARG A 15 -7.92 4.85 -5.37
C ARG A 15 -6.63 4.57 -6.13
N ALA A 16 -5.62 5.41 -5.91
CA ALA A 16 -4.34 5.27 -6.58
C ALA A 16 -3.50 4.16 -5.96
N LEU A 17 -3.89 3.75 -4.76
CA LEU A 17 -3.22 2.65 -4.08
C LEU A 17 -3.99 1.34 -4.26
N THR A 18 -5.26 1.45 -4.65
CA THR A 18 -6.07 0.27 -4.90
C THR A 18 -5.69 -0.37 -6.23
N LYS A 19 -4.97 -1.48 -6.14
CA LYS A 19 -4.41 -2.15 -7.31
C LYS A 19 -4.41 -3.64 -7.07
N VAL A 20 -4.21 -4.40 -8.13
CA VAL A 20 -3.97 -5.82 -7.99
C VAL A 20 -2.49 -6.06 -8.20
N VAL A 21 -1.89 -6.79 -7.28
CA VAL A 21 -0.44 -6.90 -7.22
C VAL A 21 -0.02 -8.24 -6.65
N LYS A 22 1.12 -8.75 -7.08
CA LYS A 22 1.65 -9.97 -6.53
C LYS A 22 2.78 -9.66 -5.56
N LEU A 23 2.57 -10.03 -4.30
CA LEU A 23 3.56 -9.78 -3.26
C LEU A 23 4.57 -10.91 -3.21
N LYS A 24 5.83 -10.55 -2.96
CA LYS A 24 6.90 -11.53 -2.92
C LYS A 24 7.90 -11.17 -1.82
N THR A 25 7.85 -11.90 -0.73
CA THR A 25 8.76 -11.67 0.37
C THR A 25 8.66 -12.82 1.38
N HIS A 26 9.34 -12.71 2.52
CA HIS A 26 9.28 -13.74 3.56
C HIS A 26 7.87 -13.82 4.17
N LEU A 27 7.05 -12.83 3.83
CA LEU A 27 5.63 -12.88 4.15
C LEU A 27 5.00 -14.03 3.36
N PHE A 28 5.09 -13.93 2.05
CA PHE A 28 4.63 -14.97 1.13
C PHE A 28 4.86 -14.52 -0.31
N SER A 29 4.52 -15.37 -1.25
CA SER A 29 4.49 -15.02 -2.65
C SER A 29 3.14 -15.37 -3.24
N GLU A 30 2.28 -14.37 -3.39
CA GLU A 30 0.92 -14.56 -3.84
C GLU A 30 0.37 -13.30 -4.49
N THR A 31 -0.70 -13.44 -5.23
CA THR A 31 -1.35 -12.30 -5.85
C THR A 31 -2.37 -11.70 -4.89
N VAL A 32 -2.19 -10.43 -4.58
CA VAL A 32 -3.01 -9.75 -3.60
C VAL A 32 -3.60 -8.49 -4.24
N LYS A 33 -4.47 -7.81 -3.51
CA LYS A 33 -5.00 -6.54 -3.95
C LYS A 33 -4.64 -5.48 -2.93
N VAL A 34 -4.01 -4.40 -3.38
CA VAL A 34 -3.48 -3.41 -2.47
C VAL A 34 -4.40 -2.21 -2.39
N THR A 35 -4.28 -1.47 -1.31
CA THR A 35 -5.10 -0.29 -1.06
C THR A 35 -4.73 0.29 0.30
N CYS A 36 -5.49 1.25 0.78
CA CYS A 36 -5.26 1.79 2.10
C CYS A 36 -6.59 1.96 2.81
N SER A 37 -6.54 2.21 4.12
CA SER A 37 -7.76 2.39 4.90
C SER A 37 -8.44 3.71 4.56
N LYS A 38 -9.65 3.94 5.05
CA LYS A 38 -10.43 5.11 4.64
C LYS A 38 -9.77 6.42 5.02
N ASP A 39 -9.12 6.45 6.18
CA ASP A 39 -8.48 7.66 6.66
C ASP A 39 -7.02 7.73 6.21
N GLY A 40 -6.61 6.78 5.39
CA GLY A 40 -5.24 6.74 4.91
C GLY A 40 -4.24 6.47 6.01
N GLU A 41 -4.72 5.88 7.11
CA GLU A 41 -3.88 5.58 8.25
C GLU A 41 -3.14 4.26 8.05
N GLU A 42 -3.79 3.33 7.37
CA GLU A 42 -3.22 2.01 7.12
C GLU A 42 -3.11 1.72 5.64
N VAL A 43 -2.09 0.95 5.28
CA VAL A 43 -2.02 0.35 3.96
C VAL A 43 -2.44 -1.10 4.09
N GLN A 44 -3.48 -1.49 3.40
CA GLN A 44 -4.09 -2.80 3.58
C GLN A 44 -4.19 -3.53 2.24
N TRP A 45 -4.25 -4.85 2.30
CA TRP A 45 -4.32 -5.65 1.08
C TRP A 45 -5.25 -6.85 1.25
N PHE A 46 -5.86 -7.23 0.14
CA PHE A 46 -6.76 -8.37 0.10
C PHE A 46 -6.10 -9.51 -0.67
N LYS A 47 -5.59 -10.49 0.06
CA LYS A 47 -4.85 -11.59 -0.55
C LYS A 47 -5.77 -12.47 -1.39
N GLY A 48 -5.41 -12.65 -2.66
CA GLY A 48 -6.14 -13.53 -3.54
C GLY A 48 -7.60 -13.16 -3.69
N LYS A 49 -8.46 -13.86 -2.98
CA LYS A 49 -9.89 -13.67 -3.10
C LYS A 49 -10.49 -13.23 -1.77
N SER A 50 -9.71 -12.49 -1.00
CA SER A 50 -10.19 -11.94 0.27
C SER A 50 -11.35 -10.98 0.03
N THR A 51 -12.38 -11.09 0.85
CA THR A 51 -13.56 -10.25 0.71
C THR A 51 -13.22 -8.78 0.98
N ALA A 52 -13.64 -7.91 0.07
CA ALA A 52 -13.38 -6.48 0.18
C ALA A 52 -14.43 -5.81 1.05
N GLY A 53 -14.43 -6.18 2.34
CA GLY A 53 -15.37 -5.65 3.32
C GLY A 53 -16.81 -5.63 2.82
N ALA A 54 -17.56 -4.64 3.26
CA ALA A 54 -18.92 -4.44 2.82
C ALA A 54 -18.97 -3.41 1.71
N GLN A 55 -18.25 -3.68 0.63
CA GLN A 55 -18.12 -2.77 -0.51
C GLN A 55 -17.22 -1.59 -0.15
N ASP A 56 -17.24 -1.20 1.12
CA ASP A 56 -16.38 -0.13 1.62
C ASP A 56 -15.00 -0.68 1.96
N ARG A 57 -14.93 -2.02 1.97
CA ARG A 57 -13.68 -2.79 2.06
C ARG A 57 -12.89 -2.50 3.32
N LYS A 58 -13.52 -2.59 4.49
CA LYS A 58 -12.80 -2.43 5.75
C LYS A 58 -12.42 -3.79 6.33
N LYS A 59 -12.24 -4.77 5.46
CA LYS A 59 -11.91 -6.12 5.91
C LYS A 59 -10.76 -6.69 5.08
N PRO A 60 -9.54 -6.20 5.30
CA PRO A 60 -8.37 -6.68 4.57
C PRO A 60 -7.77 -7.93 5.20
N SER A 61 -6.88 -8.59 4.47
CA SER A 61 -6.24 -9.79 4.95
C SER A 61 -4.78 -9.50 5.28
N GLY A 62 -4.50 -8.23 5.52
CA GLY A 62 -3.17 -7.79 5.88
C GLY A 62 -3.05 -6.29 5.77
N GLY A 63 -2.15 -5.70 6.52
CA GLY A 63 -1.97 -4.27 6.46
C GLY A 63 -1.02 -3.74 7.50
N PHE A 64 -0.57 -2.50 7.32
CA PHE A 64 0.33 -1.84 8.26
C PHE A 64 0.12 -0.33 8.21
N PRO A 65 0.42 0.38 9.33
CA PRO A 65 0.22 1.83 9.42
C PRO A 65 1.18 2.61 8.53
N VAL A 66 0.63 3.61 7.86
CA VAL A 66 1.36 4.45 6.91
C VAL A 66 2.47 5.24 7.59
N ASP A 67 2.17 5.74 8.78
CA ASP A 67 3.13 6.52 9.55
C ASP A 67 4.26 5.64 10.06
N LYS A 68 4.07 4.33 9.96
CA LYS A 68 5.03 3.36 10.49
C LYS A 68 5.94 2.80 9.39
N ILE A 69 5.65 3.15 8.15
CA ILE A 69 6.50 2.75 7.03
C ILE A 69 7.87 3.40 7.17
N THR A 70 8.93 2.60 7.15
CA THR A 70 10.26 3.13 7.36
C THR A 70 10.87 3.61 6.04
N SER A 71 10.57 2.92 4.95
CA SER A 71 11.08 3.31 3.63
C SER A 71 10.24 2.71 2.50
N VAL A 72 9.87 3.55 1.56
CA VAL A 72 9.26 3.11 0.32
C VAL A 72 10.24 3.36 -0.81
N LYS A 73 10.82 2.29 -1.31
CA LYS A 73 11.90 2.39 -2.27
C LYS A 73 11.65 1.45 -3.44
N SER A 74 12.41 1.63 -4.49
CA SER A 74 12.36 0.73 -5.62
C SER A 74 13.69 0.00 -5.75
N GLN A 75 13.67 -1.19 -6.34
CA GLN A 75 14.87 -2.01 -6.52
C GLN A 75 15.93 -1.31 -7.38
N ALA A 76 17.01 -2.03 -7.68
CA ALA A 76 18.08 -1.45 -8.48
C ALA A 76 17.64 -1.23 -9.92
N ASP A 77 16.96 -2.22 -10.50
CA ASP A 77 16.42 -2.08 -11.85
C ASP A 77 14.91 -1.92 -11.78
N ASN A 78 14.36 -2.44 -10.68
CA ASN A 78 12.96 -2.24 -10.27
C ASN A 78 11.96 -2.08 -11.42
N THR A 79 12.07 -2.89 -12.47
CA THR A 79 11.10 -2.80 -13.56
C THR A 79 9.70 -2.98 -13.02
N LYS A 80 9.40 -4.16 -12.51
CA LYS A 80 8.14 -4.41 -11.82
C LYS A 80 8.36 -4.69 -10.35
N VAL A 81 9.57 -4.42 -9.85
CA VAL A 81 9.96 -4.84 -8.51
C VAL A 81 10.08 -3.67 -7.54
N LEU A 82 9.09 -3.54 -6.67
CA LEU A 82 9.10 -2.52 -5.62
C LEU A 82 9.58 -3.11 -4.31
N VAL A 83 10.19 -2.29 -3.47
CA VAL A 83 10.65 -2.74 -2.16
C VAL A 83 10.23 -1.75 -1.07
N ILE A 84 9.28 -2.17 -0.25
CA ILE A 84 8.75 -1.33 0.81
C ILE A 84 8.98 -1.98 2.17
N THR A 85 9.62 -1.26 3.07
CA THR A 85 9.91 -1.78 4.39
C THR A 85 9.20 -0.94 5.45
N VAL A 86 8.74 -1.60 6.50
CA VAL A 86 8.05 -0.94 7.59
C VAL A 86 8.82 -1.14 8.91
N ASN A 87 8.84 -0.11 9.75
CA ASN A 87 9.55 -0.22 11.02
C ASN A 87 8.68 0.26 12.18
N ASN A 88 8.03 -0.69 12.80
CA ASN A 88 7.26 -0.52 14.05
C ASN A 88 6.43 -1.79 14.26
N PRO A 89 5.62 -2.23 13.26
CA PRO A 89 5.24 -3.63 13.12
C PRO A 89 6.50 -4.48 12.90
N GLN A 90 6.35 -5.78 12.89
CA GLN A 90 7.49 -6.67 12.69
C GLN A 90 8.10 -6.37 11.31
N PRO A 91 9.43 -6.18 11.26
CA PRO A 91 10.12 -5.74 10.05
C PRO A 91 9.82 -6.64 8.86
N THR A 92 9.10 -6.09 7.90
CA THR A 92 8.72 -6.81 6.72
C THR A 92 8.90 -5.93 5.49
N THR A 93 9.40 -6.52 4.42
CA THR A 93 9.63 -5.78 3.20
C THR A 93 8.74 -6.33 2.07
N TYR A 94 7.75 -5.53 1.70
CA TYR A 94 6.77 -5.95 0.73
C TYR A 94 7.23 -5.57 -0.67
N ASN A 95 7.32 -6.57 -1.54
CA ASN A 95 7.69 -6.33 -2.92
C ASN A 95 6.45 -6.40 -3.80
N PHE A 96 5.97 -5.26 -4.24
CA PHE A 96 4.78 -5.21 -5.06
C PHE A 96 5.15 -5.44 -6.51
N THR A 97 4.76 -6.60 -7.03
CA THR A 97 5.13 -7.01 -8.38
C THR A 97 3.89 -7.26 -9.22
N PHE A 98 3.90 -6.77 -10.46
CA PHE A 98 2.81 -7.04 -11.39
C PHE A 98 3.37 -7.25 -12.79
N LYS A 99 2.52 -7.67 -13.71
CA LYS A 99 2.92 -7.81 -15.11
C LYS A 99 3.24 -6.43 -15.69
N SER A 100 2.58 -5.42 -15.15
CA SER A 100 2.69 -4.07 -15.66
C SER A 100 3.71 -3.29 -14.85
N PRO A 101 4.84 -2.91 -15.47
CA PRO A 101 5.87 -2.10 -14.82
C PRO A 101 5.33 -0.74 -14.42
N GLY A 102 4.44 -0.20 -15.24
CA GLY A 102 3.90 1.13 -14.99
C GLY A 102 2.95 1.14 -13.82
N GLU A 103 2.38 -0.02 -13.54
CA GLU A 103 1.44 -0.17 -12.43
C GLU A 103 2.16 0.11 -11.12
N ARG A 104 3.29 -0.57 -10.93
CA ARG A 104 4.08 -0.42 -9.71
C ARG A 104 4.75 0.93 -9.65
N GLU A 105 5.21 1.42 -10.79
CA GLU A 105 5.87 2.73 -10.82
C GLU A 105 4.95 3.81 -10.31
N SER A 106 3.69 3.77 -10.76
CA SER A 106 2.68 4.72 -10.30
C SER A 106 2.37 4.50 -8.82
N TRP A 107 2.40 3.24 -8.38
CA TRP A 107 2.08 2.90 -7.01
C TRP A 107 3.18 3.43 -6.07
N GLN A 108 4.42 3.19 -6.48
CA GLN A 108 5.60 3.57 -5.72
C GLN A 108 5.59 5.07 -5.35
N GLU A 109 5.29 5.90 -6.33
CA GLU A 109 5.26 7.34 -6.11
C GLU A 109 4.01 7.76 -5.34
N GLN A 110 2.87 7.12 -5.65
CA GLN A 110 1.60 7.48 -5.04
C GLN A 110 1.60 7.28 -3.54
N ILE A 111 2.07 6.11 -3.12
CA ILE A 111 2.10 5.75 -1.71
C ILE A 111 2.95 6.74 -0.91
N GLN A 112 4.05 7.18 -1.50
CA GLN A 112 4.96 8.10 -0.82
C GLN A 112 4.29 9.44 -0.56
N SER A 113 3.49 9.88 -1.52
CA SER A 113 2.76 11.12 -1.39
C SER A 113 1.71 11.02 -0.27
N LEU A 114 1.09 9.85 -0.16
CA LEU A 114 0.12 9.59 0.89
C LEU A 114 0.82 9.60 2.25
N MET A 115 1.97 8.96 2.31
CA MET A 115 2.77 8.91 3.53
C MET A 115 3.14 10.31 4.00
N LYS A 116 3.69 11.10 3.10
CA LYS A 116 4.15 12.44 3.42
C LYS A 116 2.98 13.38 3.71
N PHE A 117 1.80 12.97 3.29
CA PHE A 117 0.58 13.72 3.54
C PHE A 117 0.18 13.63 5.01
N MET A 118 0.08 12.41 5.52
CA MET A 118 -0.47 12.17 6.86
C MET A 118 0.62 11.95 7.89
N SER A 119 1.79 11.53 7.42
CA SER A 119 2.94 11.35 8.31
C SER A 119 3.89 12.52 8.16
N MET A 120 3.33 13.66 7.75
CA MET A 120 4.10 14.89 7.57
C MET A 120 4.70 15.35 8.89
N LYS A 121 5.96 15.73 8.85
CA LYS A 121 6.65 16.19 10.04
C LYS A 121 7.09 17.64 9.84
N SER A 1 -11.53 22.35 6.15
CA SER A 1 -11.15 21.62 7.37
C SER A 1 -9.95 20.73 7.08
N ALA A 2 -8.91 20.88 7.90
CA ALA A 2 -7.66 20.13 7.72
C ALA A 2 -7.89 18.63 7.83
N SER A 3 -8.86 18.23 8.63
CA SER A 3 -9.19 16.84 8.80
C SER A 3 -10.02 16.35 7.63
N ASP A 4 -10.99 17.15 7.21
CA ASP A 4 -11.91 16.76 6.14
C ASP A 4 -11.22 16.76 4.78
N ILE A 5 -10.32 17.73 4.57
CA ILE A 5 -9.58 17.77 3.32
C ILE A 5 -8.73 16.52 3.17
N ARG A 6 -8.17 16.07 4.28
CA ARG A 6 -7.38 14.85 4.30
C ARG A 6 -8.25 13.66 3.94
N MET A 7 -9.43 13.59 4.53
CA MET A 7 -10.34 12.47 4.29
C MET A 7 -10.67 12.34 2.81
N LYS A 8 -10.90 13.48 2.14
CA LYS A 8 -11.16 13.44 0.71
C LYS A 8 -9.88 13.18 -0.06
N LYS A 9 -8.77 13.69 0.46
CA LYS A 9 -7.49 13.61 -0.24
C LYS A 9 -6.90 12.20 -0.17
N VAL A 10 -7.06 11.55 0.97
CA VAL A 10 -6.58 10.19 1.13
C VAL A 10 -7.34 9.24 0.24
N MET A 11 -8.61 9.55 0.01
CA MET A 11 -9.44 8.76 -0.91
C MET A 11 -8.90 8.88 -2.34
N GLN A 12 -8.33 10.03 -2.66
CA GLN A 12 -7.69 10.24 -3.96
C GLN A 12 -6.46 9.34 -4.06
N TYR A 13 -5.66 9.35 -3.01
CA TYR A 13 -4.48 8.49 -2.93
C TYR A 13 -4.88 7.03 -2.87
N ARG A 14 -5.99 6.77 -2.19
CA ARG A 14 -6.50 5.43 -1.98
C ARG A 14 -6.76 4.72 -3.30
N ARG A 15 -7.29 5.45 -4.26
CA ARG A 15 -7.59 4.88 -5.57
C ARG A 15 -6.33 4.47 -6.29
N ALA A 16 -5.26 5.24 -6.12
CA ALA A 16 -3.98 4.92 -6.73
C ALA A 16 -3.25 3.85 -5.95
N LEU A 17 -3.74 3.60 -4.75
CA LEU A 17 -3.18 2.57 -3.88
C LEU A 17 -4.01 1.29 -3.94
N THR A 18 -5.20 1.38 -4.54
CA THR A 18 -6.08 0.22 -4.64
C THR A 18 -5.93 -0.48 -5.99
N LYS A 19 -5.23 -1.62 -5.95
CA LYS A 19 -4.93 -2.38 -7.14
C LYS A 19 -4.70 -3.84 -6.87
N VAL A 20 -4.55 -4.59 -7.96
CA VAL A 20 -4.14 -5.97 -7.87
C VAL A 20 -2.64 -6.05 -8.13
N VAL A 21 -1.92 -6.64 -7.20
CA VAL A 21 -0.48 -6.68 -7.26
C VAL A 21 0.03 -7.96 -6.60
N LYS A 22 1.15 -8.48 -7.07
CA LYS A 22 1.66 -9.73 -6.55
C LYS A 22 2.82 -9.47 -5.60
N LEU A 23 2.64 -9.88 -4.36
CA LEU A 23 3.66 -9.70 -3.33
C LEU A 23 4.65 -10.84 -3.36
N LYS A 24 5.92 -10.51 -3.15
CA LYS A 24 6.98 -11.51 -3.17
C LYS A 24 8.03 -11.17 -2.13
N THR A 25 8.04 -11.92 -1.04
CA THR A 25 9.01 -11.70 0.01
C THR A 25 8.98 -12.88 1.00
N HIS A 26 9.60 -12.73 2.17
CA HIS A 26 9.59 -13.78 3.18
C HIS A 26 8.18 -13.93 3.76
N LEU A 27 7.34 -12.96 3.46
CA LEU A 27 5.92 -13.02 3.77
C LEU A 27 5.28 -14.16 2.99
N PHE A 28 5.38 -14.04 1.67
CA PHE A 28 4.89 -15.07 0.73
C PHE A 28 5.05 -14.55 -0.69
N SER A 29 4.63 -15.35 -1.66
CA SER A 29 4.56 -14.91 -3.04
C SER A 29 3.19 -15.26 -3.61
N GLU A 30 2.31 -14.26 -3.65
CA GLU A 30 0.92 -14.44 -4.10
C GLU A 30 0.37 -13.12 -4.62
N THR A 31 -0.67 -13.20 -5.44
CA THR A 31 -1.32 -12.00 -5.95
C THR A 31 -2.31 -11.48 -4.92
N VAL A 32 -2.13 -10.22 -4.54
CA VAL A 32 -2.94 -9.61 -3.50
C VAL A 32 -3.56 -8.33 -4.03
N LYS A 33 -4.66 -7.91 -3.45
CA LYS A 33 -5.25 -6.63 -3.78
C LYS A 33 -4.88 -5.61 -2.72
N VAL A 34 -4.26 -4.52 -3.14
CA VAL A 34 -3.75 -3.53 -2.22
C VAL A 34 -4.68 -2.34 -2.14
N THR A 35 -4.58 -1.61 -1.06
CA THR A 35 -5.41 -0.44 -0.81
C THR A 35 -4.95 0.22 0.49
N CYS A 36 -5.70 1.20 0.96
CA CYS A 36 -5.36 1.85 2.22
C CYS A 36 -6.64 2.20 2.99
N SER A 37 -6.46 2.57 4.25
CA SER A 37 -7.57 2.99 5.10
C SER A 37 -8.29 4.19 4.50
N LYS A 38 -9.55 4.39 4.94
CA LYS A 38 -10.37 5.50 4.47
C LYS A 38 -9.79 6.83 4.92
N ASP A 39 -8.96 6.80 5.95
CA ASP A 39 -8.32 8.02 6.46
C ASP A 39 -6.84 8.03 6.11
N GLY A 40 -6.43 7.07 5.29
CA GLY A 40 -5.04 6.96 4.90
C GLY A 40 -4.13 6.65 6.07
N GLU A 41 -4.68 6.04 7.11
CA GLU A 41 -3.89 5.69 8.29
C GLU A 41 -3.18 4.35 8.10
N GLU A 42 -3.75 3.49 7.27
CA GLU A 42 -3.22 2.15 7.07
C GLU A 42 -3.11 1.80 5.60
N VAL A 43 -2.22 0.88 5.30
CA VAL A 43 -2.17 0.25 3.99
C VAL A 43 -2.60 -1.20 4.13
N GLN A 44 -3.61 -1.60 3.38
CA GLN A 44 -4.19 -2.91 3.55
C GLN A 44 -4.05 -3.72 2.27
N TRP A 45 -4.18 -5.04 2.36
CA TRP A 45 -4.22 -5.89 1.18
C TRP A 45 -5.09 -7.13 1.41
N PHE A 46 -5.70 -7.59 0.32
CA PHE A 46 -6.54 -8.77 0.34
C PHE A 46 -5.90 -9.86 -0.51
N LYS A 47 -5.49 -10.94 0.13
CA LYS A 47 -4.69 -11.97 -0.52
C LYS A 47 -5.57 -12.94 -1.30
N GLY A 48 -5.20 -13.18 -2.55
CA GLY A 48 -5.91 -14.16 -3.36
C GLY A 48 -7.09 -13.56 -4.09
N LYS A 49 -8.27 -14.10 -3.82
CA LYS A 49 -9.49 -13.65 -4.49
C LYS A 49 -10.04 -12.39 -3.84
N SER A 50 -10.59 -12.54 -2.65
CA SER A 50 -11.19 -11.43 -1.94
C SER A 50 -11.43 -11.81 -0.48
N THR A 51 -10.89 -11.01 0.42
CA THR A 51 -11.07 -11.27 1.85
C THR A 51 -11.78 -10.08 2.50
N ALA A 52 -12.32 -9.21 1.66
CA ALA A 52 -12.94 -7.96 2.11
C ALA A 52 -14.06 -8.20 3.11
N GLY A 53 -13.94 -7.56 4.26
CA GLY A 53 -14.95 -7.66 5.30
C GLY A 53 -16.29 -7.14 4.87
N ALA A 54 -17.27 -8.05 4.82
CA ALA A 54 -18.65 -7.72 4.47
C ALA A 54 -18.75 -6.99 3.14
N GLN A 55 -17.88 -7.37 2.20
CA GLN A 55 -17.88 -6.83 0.83
C GLN A 55 -17.40 -5.38 0.76
N ASP A 56 -17.80 -4.57 1.74
CA ASP A 56 -17.41 -3.16 1.79
C ASP A 56 -15.96 -3.02 2.26
N ARG A 57 -15.33 -4.17 2.50
CA ARG A 57 -13.91 -4.27 2.81
C ARG A 57 -13.57 -3.65 4.17
N LYS A 58 -14.16 -4.19 5.24
CA LYS A 58 -13.83 -3.73 6.60
C LYS A 58 -13.01 -4.78 7.34
N LYS A 59 -12.42 -5.69 6.57
CA LYS A 59 -11.60 -6.75 7.14
C LYS A 59 -10.50 -7.15 6.15
N PRO A 60 -9.33 -6.51 6.25
CA PRO A 60 -8.19 -6.85 5.41
C PRO A 60 -7.55 -8.17 5.82
N SER A 61 -6.83 -8.78 4.88
CA SER A 61 -6.12 -10.02 5.17
C SER A 61 -4.69 -9.70 5.55
N GLY A 62 -4.41 -8.42 5.62
CA GLY A 62 -3.10 -7.94 5.99
C GLY A 62 -3.04 -6.45 5.85
N GLY A 63 -2.07 -5.81 6.50
CA GLY A 63 -1.97 -4.38 6.45
C GLY A 63 -1.05 -3.83 7.52
N PHE A 64 -0.73 -2.56 7.37
CA PHE A 64 0.16 -1.88 8.31
C PHE A 64 -0.06 -0.37 8.23
N PRO A 65 0.25 0.36 9.32
CA PRO A 65 0.05 1.80 9.38
C PRO A 65 0.99 2.56 8.44
N VAL A 66 0.42 3.57 7.79
CA VAL A 66 1.16 4.39 6.83
C VAL A 66 2.27 5.17 7.52
N ASP A 67 1.98 5.64 8.73
CA ASP A 67 2.95 6.41 9.51
C ASP A 67 4.11 5.54 9.95
N LYS A 68 3.88 4.23 10.00
CA LYS A 68 4.87 3.28 10.49
C LYS A 68 5.81 2.80 9.39
N ILE A 69 5.50 3.16 8.14
CA ILE A 69 6.36 2.81 7.02
C ILE A 69 7.73 3.48 7.17
N THR A 70 8.78 2.69 7.18
CA THR A 70 10.10 3.24 7.42
C THR A 70 10.74 3.70 6.11
N SER A 71 10.45 3.00 5.01
CA SER A 71 11.04 3.32 3.72
C SER A 71 10.21 2.76 2.56
N VAL A 72 10.00 3.59 1.55
CA VAL A 72 9.39 3.16 0.29
C VAL A 72 10.39 3.38 -0.82
N LYS A 73 10.94 2.29 -1.31
CA LYS A 73 12.01 2.34 -2.27
C LYS A 73 11.75 1.40 -3.44
N SER A 74 12.54 1.54 -4.46
CA SER A 74 12.46 0.65 -5.59
C SER A 74 13.81 -0.02 -5.83
N GLN A 75 13.80 -1.20 -6.44
CA GLN A 75 15.01 -2.01 -6.63
C GLN A 75 16.08 -1.29 -7.46
N ALA A 76 17.18 -2.00 -7.74
CA ALA A 76 18.29 -1.41 -8.49
C ALA A 76 17.85 -0.99 -9.88
N ASP A 77 17.13 -1.88 -10.56
CA ASP A 77 16.57 -1.56 -11.87
C ASP A 77 15.07 -1.51 -11.77
N ASN A 78 14.55 -2.24 -10.77
CA ASN A 78 13.13 -2.26 -10.41
C ASN A 78 12.20 -2.18 -11.63
N THR A 79 12.43 -3.08 -12.59
CA THR A 79 11.57 -3.16 -13.76
C THR A 79 10.12 -3.29 -13.31
N LYS A 80 9.81 -4.41 -12.69
CA LYS A 80 8.49 -4.60 -12.10
C LYS A 80 8.55 -4.74 -10.58
N VAL A 81 9.74 -4.64 -10.00
CA VAL A 81 9.92 -4.96 -8.59
C VAL A 81 9.95 -3.72 -7.69
N LEU A 82 9.06 -3.69 -6.71
CA LEU A 82 9.05 -2.65 -5.68
C LEU A 82 9.58 -3.21 -4.36
N VAL A 83 10.16 -2.36 -3.53
CA VAL A 83 10.65 -2.78 -2.23
C VAL A 83 10.23 -1.78 -1.14
N ILE A 84 9.35 -2.21 -0.25
CA ILE A 84 8.81 -1.35 0.79
C ILE A 84 9.07 -1.97 2.15
N THR A 85 9.58 -1.17 3.07
CA THR A 85 9.91 -1.67 4.39
C THR A 85 9.18 -0.85 5.47
N VAL A 86 8.75 -1.53 6.52
CA VAL A 86 8.07 -0.88 7.62
C VAL A 86 8.86 -1.09 8.92
N ASN A 87 8.87 -0.10 9.80
CA ASN A 87 9.60 -0.22 11.06
C ASN A 87 8.75 0.20 12.24
N ASN A 88 8.17 -0.82 12.88
CA ASN A 88 7.44 -0.72 14.15
C ASN A 88 6.57 -1.97 14.31
N PRO A 89 5.69 -2.31 13.33
CA PRO A 89 5.17 -3.67 13.17
C PRO A 89 6.32 -4.64 12.96
N GLN A 90 6.02 -5.94 12.98
CA GLN A 90 7.05 -6.95 12.81
C GLN A 90 7.70 -6.81 11.45
N PRO A 91 9.01 -6.49 11.45
CA PRO A 91 9.79 -6.16 10.25
C PRO A 91 9.47 -7.03 9.04
N THR A 92 8.95 -6.40 8.01
CA THR A 92 8.65 -7.08 6.76
C THR A 92 8.88 -6.13 5.59
N THR A 93 9.52 -6.62 4.56
CA THR A 93 9.75 -5.83 3.36
C THR A 93 8.96 -6.39 2.20
N TYR A 94 7.98 -5.62 1.75
CA TYR A 94 7.04 -6.07 0.75
C TYR A 94 7.49 -5.69 -0.64
N ASN A 95 7.54 -6.67 -1.53
CA ASN A 95 7.85 -6.41 -2.92
C ASN A 95 6.56 -6.44 -3.72
N PHE A 96 6.06 -5.28 -4.08
CA PHE A 96 4.86 -5.19 -4.88
C PHE A 96 5.24 -5.32 -6.35
N THR A 97 4.91 -6.45 -6.95
CA THR A 97 5.24 -6.70 -8.33
C THR A 97 3.99 -7.00 -9.14
N PHE A 98 3.93 -6.46 -10.36
CA PHE A 98 2.83 -6.76 -11.25
C PHE A 98 3.38 -6.93 -12.66
N LYS A 99 2.57 -7.45 -13.56
CA LYS A 99 2.99 -7.64 -14.94
C LYS A 99 3.21 -6.28 -15.58
N SER A 100 2.29 -5.37 -15.29
CA SER A 100 2.34 -4.02 -15.82
C SER A 100 3.31 -3.17 -14.97
N PRO A 101 4.44 -2.75 -15.56
CA PRO A 101 5.37 -1.84 -14.90
C PRO A 101 4.68 -0.55 -14.46
N GLY A 102 3.81 -0.03 -15.30
CA GLY A 102 3.13 1.21 -14.98
C GLY A 102 2.22 1.08 -13.77
N GLU A 103 1.72 -0.13 -13.54
CA GLU A 103 0.80 -0.38 -12.45
C GLU A 103 1.50 -0.19 -11.10
N ARG A 104 2.61 -0.87 -10.91
CA ARG A 104 3.36 -0.77 -9.66
C ARG A 104 4.11 0.57 -9.58
N GLU A 105 4.48 1.13 -10.73
CA GLU A 105 5.06 2.48 -10.77
C GLU A 105 4.13 3.47 -10.08
N SER A 106 2.86 3.42 -10.45
CA SER A 106 1.87 4.30 -9.86
C SER A 106 1.82 4.13 -8.34
N TRP A 107 2.08 2.91 -7.87
CA TRP A 107 2.00 2.63 -6.45
C TRP A 107 3.18 3.26 -5.71
N GLN A 108 4.39 2.96 -6.20
CA GLN A 108 5.64 3.40 -5.58
C GLN A 108 5.66 4.91 -5.32
N GLU A 109 5.31 5.69 -6.33
CA GLU A 109 5.32 7.14 -6.22
C GLU A 109 4.14 7.66 -5.39
N GLN A 110 2.98 7.04 -5.56
CA GLN A 110 1.75 7.54 -4.94
C GLN A 110 1.70 7.28 -3.45
N ILE A 111 2.20 6.13 -3.03
CA ILE A 111 2.19 5.77 -1.63
C ILE A 111 3.02 6.76 -0.82
N GLN A 112 4.14 7.19 -1.39
CA GLN A 112 5.03 8.14 -0.73
C GLN A 112 4.32 9.47 -0.52
N SER A 113 3.60 9.90 -1.54
CA SER A 113 2.84 11.14 -1.48
C SER A 113 1.75 11.06 -0.40
N LEU A 114 1.17 9.89 -0.24
CA LEU A 114 0.14 9.66 0.78
C LEU A 114 0.78 9.66 2.17
N MET A 115 1.92 8.98 2.29
CA MET A 115 2.64 8.90 3.55
C MET A 115 3.00 10.28 4.08
N LYS A 116 3.60 11.08 3.24
CA LYS A 116 4.06 12.40 3.63
C LYS A 116 2.89 13.34 3.85
N PHE A 117 1.75 12.98 3.28
CA PHE A 117 0.52 13.75 3.46
C PHE A 117 -0.03 13.59 4.87
N MET A 118 -0.28 12.35 5.27
CA MET A 118 -0.92 12.10 6.56
C MET A 118 0.10 12.05 7.68
N SER A 119 1.33 11.69 7.35
CA SER A 119 2.38 11.57 8.35
C SER A 119 3.28 12.80 8.33
N MET A 120 2.80 13.88 7.73
CA MET A 120 3.53 15.14 7.76
C MET A 120 3.64 15.64 9.19
N LYS A 121 4.82 16.10 9.57
CA LYS A 121 5.05 16.56 10.92
C LYS A 121 4.86 18.07 11.01
N SER A 1 -10.94 22.61 5.42
CA SER A 1 -10.82 21.85 6.69
C SER A 1 -9.78 20.74 6.53
N ALA A 2 -8.83 20.72 7.46
CA ALA A 2 -7.73 19.75 7.41
C ALA A 2 -8.25 18.32 7.47
N SER A 3 -9.28 18.11 8.27
CA SER A 3 -9.87 16.80 8.40
C SER A 3 -10.61 16.41 7.12
N ASP A 4 -11.44 17.33 6.64
CA ASP A 4 -12.26 17.08 5.46
C ASP A 4 -11.38 16.88 4.22
N ILE A 5 -10.43 17.78 4.03
CA ILE A 5 -9.57 17.72 2.86
C ILE A 5 -8.73 16.45 2.90
N ARG A 6 -8.30 16.04 4.08
CA ARG A 6 -7.52 14.84 4.21
C ARG A 6 -8.36 13.61 3.88
N MET A 7 -9.54 13.53 4.47
CA MET A 7 -10.41 12.39 4.24
C MET A 7 -10.72 12.23 2.75
N LYS A 8 -10.92 13.34 2.06
CA LYS A 8 -11.17 13.29 0.64
C LYS A 8 -9.87 12.98 -0.12
N LYS A 9 -8.76 13.55 0.33
CA LYS A 9 -7.49 13.40 -0.35
C LYS A 9 -6.97 11.97 -0.23
N VAL A 10 -7.13 11.38 0.95
CA VAL A 10 -6.71 10.01 1.17
C VAL A 10 -7.54 9.05 0.32
N MET A 11 -8.80 9.40 0.07
CA MET A 11 -9.64 8.63 -0.83
C MET A 11 -9.09 8.70 -2.25
N GLN A 12 -8.53 9.85 -2.61
CA GLN A 12 -7.88 10.02 -3.91
C GLN A 12 -6.65 9.11 -3.98
N TYR A 13 -5.86 9.13 -2.92
CA TYR A 13 -4.68 8.27 -2.81
C TYR A 13 -5.10 6.81 -2.77
N ARG A 14 -6.20 6.54 -2.07
CA ARG A 14 -6.70 5.19 -1.87
C ARG A 14 -6.97 4.50 -3.19
N ARG A 15 -7.53 5.24 -4.14
CA ARG A 15 -7.84 4.68 -5.46
C ARG A 15 -6.55 4.37 -6.22
N ALA A 16 -5.53 5.18 -6.01
CA ALA A 16 -4.24 4.98 -6.66
C ALA A 16 -3.45 3.91 -5.93
N LEU A 17 -3.91 3.57 -4.73
CA LEU A 17 -3.31 2.50 -3.94
C LEU A 17 -4.12 1.20 -4.08
N THR A 18 -5.32 1.30 -4.62
CA THR A 18 -6.17 0.14 -4.82
C THR A 18 -5.95 -0.49 -6.18
N LYS A 19 -5.25 -1.60 -6.17
CA LYS A 19 -4.93 -2.34 -7.37
C LYS A 19 -4.69 -3.80 -7.08
N VAL A 20 -4.52 -4.59 -8.13
CA VAL A 20 -4.12 -5.96 -7.97
C VAL A 20 -2.62 -6.05 -8.24
N VAL A 21 -1.91 -6.58 -7.27
CA VAL A 21 -0.47 -6.61 -7.30
C VAL A 21 0.04 -7.88 -6.62
N LYS A 22 1.16 -8.38 -7.08
CA LYS A 22 1.67 -9.64 -6.57
C LYS A 22 2.81 -9.39 -5.59
N LEU A 23 2.60 -9.82 -4.36
CA LEU A 23 3.60 -9.63 -3.31
C LEU A 23 4.59 -10.77 -3.32
N LYS A 24 5.84 -10.44 -3.04
CA LYS A 24 6.91 -11.44 -3.01
C LYS A 24 7.90 -11.11 -1.92
N THR A 25 7.89 -11.87 -0.83
CA THR A 25 8.83 -11.65 0.24
C THR A 25 8.77 -12.81 1.24
N HIS A 26 9.36 -12.63 2.43
CA HIS A 26 9.35 -13.66 3.47
C HIS A 26 7.92 -13.93 3.92
N LEU A 27 7.05 -12.98 3.62
CA LEU A 27 5.62 -13.10 3.88
C LEU A 27 5.05 -14.22 3.02
N PHE A 28 5.11 -14.04 1.71
CA PHE A 28 4.67 -15.03 0.75
C PHE A 28 4.88 -14.48 -0.66
N SER A 29 4.39 -15.21 -1.65
CA SER A 29 4.38 -14.72 -3.00
C SER A 29 3.05 -15.06 -3.66
N GLU A 30 2.15 -14.08 -3.70
CA GLU A 30 0.80 -14.27 -4.20
C GLU A 30 0.27 -12.96 -4.75
N THR A 31 -0.70 -13.05 -5.65
CA THR A 31 -1.34 -11.86 -6.20
C THR A 31 -2.40 -11.34 -5.23
N VAL A 32 -2.18 -10.14 -4.72
CA VAL A 32 -3.05 -9.57 -3.72
C VAL A 32 -3.68 -8.30 -4.25
N LYS A 33 -4.75 -7.87 -3.63
CA LYS A 33 -5.33 -6.58 -3.96
C LYS A 33 -4.95 -5.57 -2.89
N VAL A 34 -4.33 -4.49 -3.31
CA VAL A 34 -3.79 -3.51 -2.38
C VAL A 34 -4.71 -2.32 -2.27
N THR A 35 -4.58 -1.59 -1.18
CA THR A 35 -5.38 -0.42 -0.91
C THR A 35 -4.88 0.21 0.39
N CYS A 36 -5.62 1.17 0.92
CA CYS A 36 -5.24 1.77 2.18
C CYS A 36 -6.49 2.04 3.03
N SER A 37 -6.27 2.48 4.25
CA SER A 37 -7.35 2.86 5.14
C SER A 37 -8.15 4.03 4.56
N LYS A 38 -9.34 4.24 5.11
CA LYS A 38 -10.23 5.30 4.65
C LYS A 38 -9.72 6.66 5.12
N ASP A 39 -8.81 6.64 6.07
CA ASP A 39 -8.17 7.86 6.55
C ASP A 39 -6.76 7.95 5.99
N GLY A 40 -6.39 6.95 5.20
CA GLY A 40 -5.05 6.91 4.63
C GLY A 40 -3.98 6.60 5.65
N GLU A 41 -4.39 6.28 6.86
CA GLU A 41 -3.45 6.07 7.97
C GLU A 41 -2.84 4.66 7.96
N GLU A 42 -3.36 3.81 7.09
CA GLU A 42 -2.91 2.42 7.03
C GLU A 42 -2.88 1.93 5.60
N VAL A 43 -1.95 1.04 5.32
CA VAL A 43 -1.95 0.30 4.07
C VAL A 43 -2.52 -1.07 4.34
N GLN A 44 -3.35 -1.57 3.46
CA GLN A 44 -3.99 -2.85 3.67
C GLN A 44 -4.23 -3.56 2.34
N TRP A 45 -4.21 -4.87 2.35
CA TRP A 45 -4.38 -5.64 1.13
C TRP A 45 -5.21 -6.89 1.37
N PHE A 46 -5.72 -7.43 0.27
CA PHE A 46 -6.54 -8.62 0.29
C PHE A 46 -5.86 -9.70 -0.53
N LYS A 47 -5.66 -10.87 0.06
CA LYS A 47 -4.85 -11.90 -0.57
C LYS A 47 -5.68 -12.81 -1.45
N GLY A 48 -5.53 -12.63 -2.75
CA GLY A 48 -6.20 -13.47 -3.73
C GLY A 48 -7.68 -13.18 -3.84
N LYS A 49 -8.48 -13.88 -3.03
CA LYS A 49 -9.92 -13.79 -3.08
C LYS A 49 -10.40 -12.39 -2.69
N SER A 50 -11.65 -12.10 -3.03
CA SER A 50 -12.25 -10.81 -2.76
C SER A 50 -12.73 -10.70 -1.31
N THR A 51 -11.79 -10.80 -0.38
CA THR A 51 -12.09 -10.65 1.03
C THR A 51 -12.51 -9.22 1.33
N ALA A 52 -13.73 -9.05 1.81
CA ALA A 52 -14.25 -7.72 2.06
C ALA A 52 -15.21 -7.74 3.24
N GLY A 53 -15.33 -6.60 3.90
CA GLY A 53 -16.28 -6.47 4.99
C GLY A 53 -17.70 -6.33 4.49
N ALA A 54 -18.41 -5.33 4.99
CA ALA A 54 -19.76 -5.07 4.55
C ALA A 54 -19.77 -4.36 3.20
N GLN A 55 -19.36 -5.10 2.16
CA GLN A 55 -19.36 -4.62 0.77
C GLN A 55 -18.27 -3.57 0.51
N ASP A 56 -18.11 -2.63 1.43
CA ASP A 56 -17.12 -1.56 1.29
C ASP A 56 -15.71 -2.06 1.60
N ARG A 57 -15.60 -3.37 1.83
CA ARG A 57 -14.32 -4.07 2.02
C ARG A 57 -13.56 -3.59 3.25
N LYS A 58 -14.20 -3.63 4.42
CA LYS A 58 -13.50 -3.30 5.65
C LYS A 58 -13.10 -4.57 6.38
N LYS A 59 -12.41 -5.45 5.68
CA LYS A 59 -11.91 -6.69 6.26
C LYS A 59 -10.67 -7.14 5.49
N PRO A 60 -9.53 -6.46 5.73
CA PRO A 60 -8.28 -6.71 5.02
C PRO A 60 -7.63 -8.04 5.40
N SER A 61 -6.81 -8.56 4.51
CA SER A 61 -6.09 -9.79 4.74
C SER A 61 -4.73 -9.51 5.36
N GLY A 62 -4.36 -8.24 5.38
CA GLY A 62 -3.08 -7.82 5.92
C GLY A 62 -2.89 -6.33 5.78
N GLY A 63 -1.77 -5.82 6.27
CA GLY A 63 -1.51 -4.40 6.16
C GLY A 63 -0.69 -3.87 7.32
N PHE A 64 -0.48 -2.55 7.32
CA PHE A 64 0.36 -1.90 8.33
C PHE A 64 0.16 -0.38 8.28
N PRO A 65 0.46 0.32 9.39
CA PRO A 65 0.27 1.77 9.50
C PRO A 65 1.20 2.55 8.59
N VAL A 66 0.65 3.56 7.93
CA VAL A 66 1.39 4.40 6.98
C VAL A 66 2.48 5.22 7.68
N ASP A 67 2.19 5.65 8.90
CA ASP A 67 3.15 6.43 9.67
C ASP A 67 4.34 5.57 10.09
N LYS A 68 4.15 4.26 10.03
CA LYS A 68 5.18 3.32 10.47
C LYS A 68 6.05 2.83 9.31
N ILE A 69 5.69 3.21 8.09
CA ILE A 69 6.52 2.86 6.95
C ILE A 69 7.87 3.54 7.08
N THR A 70 8.93 2.75 7.18
CA THR A 70 10.26 3.32 7.39
C THR A 70 10.88 3.74 6.06
N SER A 71 10.57 3.02 4.99
CA SER A 71 11.11 3.35 3.68
C SER A 71 10.26 2.73 2.56
N VAL A 72 9.93 3.55 1.58
CA VAL A 72 9.29 3.08 0.35
C VAL A 72 10.28 3.21 -0.79
N LYS A 73 10.78 2.08 -1.24
CA LYS A 73 11.86 2.06 -2.20
C LYS A 73 11.52 1.19 -3.40
N SER A 74 12.31 1.33 -4.43
CA SER A 74 12.25 0.42 -5.56
C SER A 74 13.60 -0.27 -5.70
N GLN A 75 13.61 -1.46 -6.29
CA GLN A 75 14.83 -2.27 -6.40
C GLN A 75 15.95 -1.54 -7.15
N ALA A 76 17.11 -2.16 -7.25
CA ALA A 76 18.26 -1.53 -7.90
C ALA A 76 17.95 -1.20 -9.36
N ASP A 77 17.35 -2.13 -10.08
CA ASP A 77 16.91 -1.87 -11.45
C ASP A 77 15.39 -1.87 -11.50
N ASN A 78 14.80 -2.54 -10.52
CA ASN A 78 13.36 -2.54 -10.26
C ASN A 78 12.51 -2.51 -11.53
N THR A 79 12.72 -3.47 -12.41
CA THR A 79 11.90 -3.55 -13.61
C THR A 79 10.43 -3.66 -13.22
N LYS A 80 10.06 -4.77 -12.61
CA LYS A 80 8.72 -4.94 -12.09
C LYS A 80 8.70 -5.04 -10.56
N VAL A 81 9.85 -4.87 -9.92
CA VAL A 81 9.97 -5.15 -8.49
C VAL A 81 9.99 -3.88 -7.63
N LEU A 82 9.22 -3.89 -6.55
CA LEU A 82 9.22 -2.81 -5.55
C LEU A 82 9.74 -3.33 -4.22
N VAL A 83 10.32 -2.47 -3.40
CA VAL A 83 10.81 -2.87 -2.08
C VAL A 83 10.38 -1.86 -1.01
N ILE A 84 9.45 -2.28 -0.16
CA ILE A 84 8.91 -1.40 0.88
C ILE A 84 9.15 -2.00 2.26
N THR A 85 9.79 -1.24 3.13
CA THR A 85 10.08 -1.71 4.48
C THR A 85 9.31 -0.90 5.52
N VAL A 86 8.85 -1.57 6.57
CA VAL A 86 8.12 -0.91 7.64
C VAL A 86 8.83 -1.09 8.97
N ASN A 87 8.80 -0.05 9.81
CA ASN A 87 9.46 -0.07 11.11
C ASN A 87 8.44 0.10 12.23
N ASN A 88 8.66 -0.66 13.32
CA ASN A 88 7.78 -0.72 14.52
C ASN A 88 6.88 -1.97 14.49
N PRO A 89 6.03 -2.19 13.46
CA PRO A 89 5.43 -3.51 13.22
C PRO A 89 6.52 -4.56 12.99
N GLN A 90 6.12 -5.83 12.95
CA GLN A 90 7.07 -6.91 12.75
C GLN A 90 7.78 -6.75 11.42
N PRO A 91 9.11 -6.53 11.46
CA PRO A 91 9.91 -6.18 10.27
C PRO A 91 9.59 -7.05 9.08
N THR A 92 9.01 -6.43 8.06
CA THR A 92 8.69 -7.11 6.83
C THR A 92 8.91 -6.15 5.67
N THR A 93 9.46 -6.66 4.57
CA THR A 93 9.70 -5.85 3.39
C THR A 93 8.86 -6.36 2.24
N TYR A 94 7.85 -5.58 1.88
CA TYR A 94 6.86 -6.01 0.90
C TYR A 94 7.29 -5.62 -0.50
N ASN A 95 7.38 -6.60 -1.38
CA ASN A 95 7.71 -6.35 -2.77
C ASN A 95 6.45 -6.36 -3.61
N PHE A 96 5.99 -5.18 -4.00
CA PHE A 96 4.80 -5.10 -4.84
C PHE A 96 5.22 -5.24 -6.28
N THR A 97 4.85 -6.35 -6.88
CA THR A 97 5.23 -6.66 -8.25
C THR A 97 3.99 -6.89 -9.10
N PHE A 98 3.98 -6.37 -10.31
CA PHE A 98 2.90 -6.62 -11.24
C PHE A 98 3.43 -6.79 -12.64
N LYS A 99 2.61 -7.33 -13.53
CA LYS A 99 3.00 -7.56 -14.92
C LYS A 99 3.24 -6.23 -15.62
N SER A 100 2.59 -5.19 -15.13
CA SER A 100 2.74 -3.85 -15.67
C SER A 100 3.74 -3.05 -14.83
N PRO A 101 4.93 -2.76 -15.37
CA PRO A 101 5.90 -1.87 -14.73
C PRO A 101 5.26 -0.54 -14.32
N GLY A 102 4.39 0.00 -15.17
CA GLY A 102 3.74 1.26 -14.87
C GLY A 102 2.81 1.15 -13.67
N GLU A 103 2.22 -0.03 -13.49
CA GLU A 103 1.26 -0.25 -12.42
C GLU A 103 1.91 -0.09 -11.04
N ARG A 104 3.02 -0.81 -10.83
CA ARG A 104 3.67 -0.77 -9.53
C ARG A 104 4.36 0.56 -9.30
N GLU A 105 4.92 1.14 -10.35
CA GLU A 105 5.52 2.46 -10.25
C GLU A 105 4.48 3.48 -9.77
N SER A 106 3.26 3.37 -10.31
CA SER A 106 2.17 4.24 -9.87
C SER A 106 1.92 4.07 -8.38
N TRP A 107 2.12 2.86 -7.88
CA TRP A 107 1.95 2.59 -6.47
C TRP A 107 3.10 3.21 -5.67
N GLN A 108 4.31 2.95 -6.14
CA GLN A 108 5.54 3.40 -5.52
C GLN A 108 5.52 4.91 -5.23
N GLU A 109 5.18 5.70 -6.24
CA GLU A 109 5.18 7.15 -6.08
C GLU A 109 3.98 7.62 -5.27
N GLN A 110 2.82 7.04 -5.51
CA GLN A 110 1.58 7.49 -4.91
C GLN A 110 1.54 7.22 -3.41
N ILE A 111 2.06 6.09 -3.00
CA ILE A 111 2.07 5.73 -1.59
C ILE A 111 2.89 6.73 -0.79
N GLN A 112 4.00 7.19 -1.37
CA GLN A 112 4.88 8.14 -0.70
C GLN A 112 4.20 9.49 -0.55
N SER A 113 3.45 9.87 -1.57
CA SER A 113 2.69 11.11 -1.54
C SER A 113 1.64 11.04 -0.43
N LEU A 114 1.05 9.86 -0.26
CA LEU A 114 0.06 9.63 0.79
C LEU A 114 0.73 9.70 2.17
N MET A 115 1.85 8.99 2.31
CA MET A 115 2.58 8.93 3.57
C MET A 115 2.90 10.32 4.09
N LYS A 116 3.51 11.14 3.26
CA LYS A 116 3.95 12.46 3.65
C LYS A 116 2.76 13.41 3.81
N PHE A 117 1.69 13.15 3.08
CA PHE A 117 0.50 13.98 3.18
C PHE A 117 -0.03 13.98 4.62
N MET A 118 -0.04 12.80 5.24
CA MET A 118 -0.46 12.68 6.62
C MET A 118 0.73 12.80 7.56
N SER A 119 1.93 12.56 7.07
CA SER A 119 3.13 12.66 7.88
C SER A 119 3.48 14.10 8.17
N MET A 120 3.38 14.92 7.14
CA MET A 120 3.69 16.32 7.24
C MET A 120 2.55 17.06 7.92
N LYS A 121 2.82 17.64 9.07
CA LYS A 121 1.80 18.34 9.84
C LYS A 121 1.75 19.80 9.42
N SER A 1 -10.13 21.79 7.97
CA SER A 1 -9.90 20.78 9.02
C SER A 1 -8.85 19.78 8.54
N ALA A 2 -7.77 19.67 9.31
CA ALA A 2 -6.64 18.80 8.96
C ALA A 2 -7.07 17.35 8.84
N SER A 3 -7.91 16.91 9.76
CA SER A 3 -8.40 15.56 9.76
C SER A 3 -9.37 15.33 8.60
N ASP A 4 -10.29 16.27 8.41
CA ASP A 4 -11.31 16.14 7.36
C ASP A 4 -10.69 16.20 5.97
N ILE A 5 -9.81 17.18 5.75
CA ILE A 5 -9.17 17.33 4.45
C ILE A 5 -8.33 16.10 4.13
N ARG A 6 -7.70 15.53 5.15
CA ARG A 6 -6.93 14.32 4.96
C ARG A 6 -7.82 13.18 4.52
N MET A 7 -8.93 12.99 5.23
CA MET A 7 -9.85 11.90 4.91
C MET A 7 -10.31 11.97 3.45
N LYS A 8 -10.55 13.16 2.95
CA LYS A 8 -10.96 13.32 1.56
C LYS A 8 -9.75 13.15 0.64
N LYS A 9 -8.58 13.57 1.08
CA LYS A 9 -7.38 13.48 0.26
C LYS A 9 -6.85 12.06 0.20
N VAL A 10 -6.91 11.36 1.32
CA VAL A 10 -6.45 9.98 1.38
C VAL A 10 -7.32 9.08 0.53
N MET A 11 -8.60 9.40 0.40
CA MET A 11 -9.50 8.61 -0.43
C MET A 11 -9.17 8.82 -1.90
N GLN A 12 -8.65 9.99 -2.21
CA GLN A 12 -8.13 10.28 -3.55
C GLN A 12 -6.90 9.41 -3.81
N TYR A 13 -5.98 9.43 -2.85
CA TYR A 13 -4.79 8.58 -2.90
C TYR A 13 -5.20 7.11 -2.88
N ARG A 14 -6.31 6.83 -2.22
CA ARG A 14 -6.80 5.47 -2.06
C ARG A 14 -7.10 4.84 -3.41
N ARG A 15 -7.65 5.62 -4.33
CA ARG A 15 -7.92 5.12 -5.67
C ARG A 15 -6.61 4.78 -6.38
N ALA A 16 -5.57 5.53 -6.07
CA ALA A 16 -4.26 5.32 -6.67
C ALA A 16 -3.49 4.23 -5.93
N LEU A 17 -3.94 3.91 -4.74
CA LEU A 17 -3.34 2.86 -3.94
C LEU A 17 -4.14 1.57 -4.05
N THR A 18 -5.35 1.66 -4.57
CA THR A 18 -6.16 0.49 -4.81
C THR A 18 -5.76 -0.14 -6.15
N LYS A 19 -5.05 -1.25 -6.05
CA LYS A 19 -4.48 -1.91 -7.23
C LYS A 19 -4.43 -3.41 -7.00
N VAL A 20 -4.23 -4.14 -8.08
CA VAL A 20 -3.97 -5.56 -7.99
C VAL A 20 -2.48 -5.80 -8.22
N VAL A 21 -1.84 -6.50 -7.30
CA VAL A 21 -0.40 -6.66 -7.33
C VAL A 21 0.00 -7.98 -6.68
N LYS A 22 1.20 -8.45 -6.97
CA LYS A 22 1.64 -9.72 -6.44
C LYS A 22 2.80 -9.50 -5.47
N LEU A 23 2.64 -10.00 -4.25
CA LEU A 23 3.64 -9.83 -3.22
C LEU A 23 4.64 -10.97 -3.23
N LYS A 24 5.90 -10.63 -2.98
CA LYS A 24 6.96 -11.63 -2.92
C LYS A 24 7.97 -11.26 -1.85
N THR A 25 7.96 -11.95 -0.74
CA THR A 25 8.91 -11.69 0.32
C THR A 25 8.86 -12.80 1.38
N HIS A 26 9.46 -12.56 2.55
CA HIS A 26 9.46 -13.53 3.64
C HIS A 26 8.04 -13.70 4.18
N LEU A 27 7.18 -12.77 3.81
CA LEU A 27 5.76 -12.85 4.09
C LEU A 27 5.16 -14.03 3.33
N PHE A 28 5.20 -13.93 2.00
CA PHE A 28 4.75 -14.99 1.11
C PHE A 28 4.91 -14.52 -0.34
N SER A 29 4.46 -15.34 -1.27
CA SER A 29 4.39 -14.94 -2.67
C SER A 29 3.00 -15.27 -3.22
N GLU A 30 2.16 -14.25 -3.33
CA GLU A 30 0.78 -14.42 -3.79
C GLU A 30 0.29 -13.13 -4.42
N THR A 31 -0.74 -13.24 -5.24
CA THR A 31 -1.37 -12.08 -5.83
C THR A 31 -2.38 -11.50 -4.85
N VAL A 32 -2.21 -10.23 -4.54
CA VAL A 32 -3.03 -9.56 -3.53
C VAL A 32 -3.58 -8.26 -4.11
N LYS A 33 -4.70 -7.80 -3.59
CA LYS A 33 -5.20 -6.51 -3.98
C LYS A 33 -4.84 -5.50 -2.90
N VAL A 34 -4.09 -4.48 -3.27
CA VAL A 34 -3.59 -3.53 -2.31
C VAL A 34 -4.40 -2.25 -2.34
N THR A 35 -4.36 -1.54 -1.23
CA THR A 35 -5.13 -0.32 -1.06
C THR A 35 -4.73 0.31 0.28
N CYS A 36 -5.43 1.35 0.69
CA CYS A 36 -5.15 1.97 1.97
C CYS A 36 -6.41 2.11 2.79
N SER A 37 -6.26 2.46 4.05
CA SER A 37 -7.38 2.67 4.94
C SER A 37 -8.26 3.82 4.45
N LYS A 38 -9.45 3.93 5.00
CA LYS A 38 -10.39 4.98 4.61
C LYS A 38 -9.87 6.33 5.08
N ASP A 39 -9.11 6.31 6.18
CA ASP A 39 -8.47 7.53 6.69
C ASP A 39 -7.05 7.63 6.16
N GLY A 40 -6.64 6.62 5.38
CA GLY A 40 -5.30 6.59 4.83
C GLY A 40 -4.25 6.21 5.87
N GLU A 41 -4.72 5.88 7.07
CA GLU A 41 -3.82 5.57 8.19
C GLU A 41 -3.14 4.20 8.02
N GLU A 42 -3.42 3.51 6.92
CA GLU A 42 -2.95 2.14 6.76
C GLU A 42 -2.79 1.76 5.31
N VAL A 43 -1.87 0.86 5.04
CA VAL A 43 -1.77 0.19 3.74
C VAL A 43 -2.23 -1.24 3.91
N GLN A 44 -3.31 -1.60 3.26
CA GLN A 44 -3.95 -2.89 3.48
C GLN A 44 -4.12 -3.63 2.16
N TRP A 45 -4.32 -4.94 2.25
CA TRP A 45 -4.40 -5.77 1.06
C TRP A 45 -5.35 -6.95 1.23
N PHE A 46 -5.84 -7.45 0.09
CA PHE A 46 -6.72 -8.60 0.03
C PHE A 46 -6.01 -9.73 -0.70
N LYS A 47 -5.68 -10.79 0.02
CA LYS A 47 -4.83 -11.84 -0.52
C LYS A 47 -5.63 -12.90 -1.26
N GLY A 48 -5.00 -13.50 -2.26
CA GLY A 48 -5.60 -14.60 -2.98
C GLY A 48 -6.35 -14.14 -4.21
N LYS A 49 -7.60 -13.73 -4.01
CA LYS A 49 -8.41 -13.23 -5.09
C LYS A 49 -9.28 -12.08 -4.60
N SER A 50 -10.05 -12.33 -3.54
CA SER A 50 -10.90 -11.31 -2.97
C SER A 50 -11.37 -11.72 -1.57
N THR A 51 -10.77 -11.11 -0.56
CA THR A 51 -11.21 -11.30 0.81
C THR A 51 -11.83 -10.01 1.32
N ALA A 52 -12.46 -9.28 0.41
CA ALA A 52 -13.00 -7.96 0.70
C ALA A 52 -14.15 -8.02 1.70
N GLY A 53 -13.88 -7.57 2.91
CA GLY A 53 -14.87 -7.55 3.97
C GLY A 53 -16.18 -6.91 3.56
N ALA A 54 -17.25 -7.61 3.88
CA ALA A 54 -18.62 -7.17 3.58
C ALA A 54 -18.78 -6.67 2.14
N GLN A 55 -18.01 -7.26 1.22
CA GLN A 55 -18.09 -6.95 -0.21
C GLN A 55 -17.51 -5.57 -0.55
N ASP A 56 -17.80 -4.59 0.29
CA ASP A 56 -17.32 -3.22 0.09
C ASP A 56 -15.86 -3.09 0.50
N ARG A 57 -15.22 -4.23 0.71
CA ARG A 57 -13.80 -4.31 1.05
C ARG A 57 -13.56 -3.60 2.38
N LYS A 58 -14.28 -4.03 3.40
CA LYS A 58 -14.22 -3.42 4.71
C LYS A 58 -13.20 -4.14 5.58
N LYS A 59 -12.92 -5.38 5.21
CA LYS A 59 -12.04 -6.24 5.99
C LYS A 59 -10.89 -6.72 5.12
N PRO A 60 -9.70 -6.15 5.31
CA PRO A 60 -8.49 -6.58 4.61
C PRO A 60 -7.96 -7.90 5.14
N SER A 61 -7.05 -8.50 4.40
CA SER A 61 -6.45 -9.77 4.81
C SER A 61 -5.07 -9.49 5.42
N GLY A 62 -4.75 -8.21 5.55
CA GLY A 62 -3.49 -7.80 6.11
C GLY A 62 -3.28 -6.32 5.90
N GLY A 63 -2.19 -5.79 6.43
CA GLY A 63 -1.92 -4.38 6.27
C GLY A 63 -1.11 -3.79 7.41
N PHE A 64 -0.45 -2.68 7.13
CA PHE A 64 0.39 -2.01 8.12
C PHE A 64 0.18 -0.51 8.02
N PRO A 65 0.35 0.21 9.15
CA PRO A 65 0.13 1.66 9.20
C PRO A 65 1.10 2.44 8.32
N VAL A 66 0.58 3.50 7.72
CA VAL A 66 1.31 4.32 6.76
C VAL A 66 2.41 5.13 7.43
N ASP A 67 2.13 5.64 8.60
CA ASP A 67 3.10 6.47 9.33
C ASP A 67 4.21 5.58 9.91
N LYS A 68 3.95 4.28 9.95
CA LYS A 68 4.91 3.33 10.50
C LYS A 68 5.84 2.77 9.41
N ILE A 69 5.57 3.12 8.17
CA ILE A 69 6.44 2.74 7.07
C ILE A 69 7.79 3.43 7.24
N THR A 70 8.87 2.64 7.26
CA THR A 70 10.18 3.19 7.52
C THR A 70 10.83 3.69 6.23
N SER A 71 10.52 3.05 5.11
CA SER A 71 11.11 3.43 3.83
C SER A 71 10.25 2.98 2.67
N VAL A 72 10.07 3.86 1.69
CA VAL A 72 9.40 3.53 0.45
C VAL A 72 10.40 3.70 -0.69
N LYS A 73 10.85 2.58 -1.21
CA LYS A 73 11.91 2.56 -2.18
C LYS A 73 11.58 1.65 -3.34
N SER A 74 12.38 1.75 -4.39
CA SER A 74 12.28 0.85 -5.50
C SER A 74 13.66 0.28 -5.80
N GLN A 75 13.70 -0.90 -6.38
CA GLN A 75 14.95 -1.57 -6.72
C GLN A 75 15.78 -0.73 -7.70
N ALA A 76 17.05 -1.08 -7.88
CA ALA A 76 17.96 -0.28 -8.71
C ALA A 76 17.39 -0.01 -10.10
N ASP A 77 16.85 -1.04 -10.73
CA ASP A 77 16.18 -0.89 -12.00
C ASP A 77 14.69 -1.17 -11.83
N ASN A 78 14.38 -1.91 -10.77
CA ASN A 78 12.99 -2.22 -10.36
C ASN A 78 12.07 -2.46 -11.54
N THR A 79 12.45 -3.38 -12.42
CA THR A 79 11.64 -3.71 -13.59
C THR A 79 10.19 -3.92 -13.20
N LYS A 80 9.90 -5.02 -12.51
CA LYS A 80 8.60 -5.22 -11.92
C LYS A 80 8.69 -5.30 -10.39
N VAL A 81 9.87 -5.00 -9.85
CA VAL A 81 10.12 -5.21 -8.42
C VAL A 81 10.03 -3.93 -7.61
N LEU A 82 9.12 -3.89 -6.65
CA LEU A 82 9.03 -2.81 -5.67
C LEU A 82 9.53 -3.29 -4.32
N VAL A 83 10.05 -2.39 -3.51
CA VAL A 83 10.58 -2.75 -2.19
C VAL A 83 10.17 -1.73 -1.13
N ILE A 84 9.34 -2.17 -0.19
CA ILE A 84 8.84 -1.29 0.86
C ILE A 84 9.08 -1.92 2.23
N THR A 85 9.64 -1.15 3.15
CA THR A 85 9.96 -1.65 4.47
C THR A 85 9.22 -0.87 5.55
N VAL A 86 8.76 -1.56 6.58
CA VAL A 86 8.06 -0.94 7.69
C VAL A 86 8.82 -1.13 9.00
N ASN A 87 8.84 -0.10 9.86
CA ASN A 87 9.56 -0.19 11.13
C ASN A 87 8.72 0.37 12.27
N ASN A 88 8.06 -0.55 12.96
CA ASN A 88 7.31 -0.30 14.20
C ASN A 88 6.40 -1.51 14.45
N PRO A 89 5.58 -1.91 13.45
CA PRO A 89 5.11 -3.29 13.35
C PRO A 89 6.30 -4.22 13.10
N GLN A 90 6.08 -5.52 13.15
CA GLN A 90 7.17 -6.48 12.97
C GLN A 90 7.79 -6.29 11.58
N PRO A 91 9.07 -5.84 11.56
CA PRO A 91 9.77 -5.46 10.33
C PRO A 91 9.57 -6.43 9.18
N THR A 92 8.94 -5.94 8.14
CA THR A 92 8.71 -6.72 6.94
C THR A 92 8.95 -5.86 5.71
N THR A 93 9.46 -6.46 4.65
CA THR A 93 9.72 -5.74 3.42
C THR A 93 8.86 -6.32 2.29
N TYR A 94 7.90 -5.55 1.84
CA TYR A 94 6.94 -6.02 0.86
C TYR A 94 7.40 -5.69 -0.54
N ASN A 95 7.47 -6.69 -1.39
CA ASN A 95 7.84 -6.48 -2.78
C ASN A 95 6.60 -6.54 -3.65
N PHE A 96 6.15 -5.39 -4.12
CA PHE A 96 5.00 -5.33 -4.99
C PHE A 96 5.43 -5.59 -6.43
N THR A 97 5.01 -6.73 -6.96
CA THR A 97 5.36 -7.11 -8.31
C THR A 97 4.11 -7.30 -9.15
N PHE A 98 4.14 -6.84 -10.39
CA PHE A 98 3.00 -7.02 -11.27
C PHE A 98 3.47 -7.35 -12.68
N LYS A 99 2.52 -7.57 -13.59
CA LYS A 99 2.85 -7.77 -14.99
C LYS A 99 3.27 -6.45 -15.61
N SER A 100 2.59 -5.39 -15.21
CA SER A 100 2.84 -4.06 -15.73
C SER A 100 3.98 -3.38 -14.98
N PRO A 101 5.00 -2.94 -15.69
CA PRO A 101 6.08 -2.13 -15.12
C PRO A 101 5.56 -0.75 -14.72
N GLY A 102 4.47 -0.32 -15.35
CA GLY A 102 3.91 0.99 -15.06
C GLY A 102 2.99 0.97 -13.85
N GLU A 103 2.21 -0.11 -13.72
CA GLU A 103 1.21 -0.22 -12.64
C GLU A 103 1.88 -0.06 -11.27
N ARG A 104 2.99 -0.75 -11.09
CA ARG A 104 3.66 -0.80 -9.81
C ARG A 104 4.30 0.55 -9.50
N GLU A 105 4.89 1.19 -10.51
CA GLU A 105 5.52 2.49 -10.32
C GLU A 105 4.47 3.54 -10.01
N SER A 106 3.30 3.40 -10.61
CA SER A 106 2.17 4.25 -10.29
C SER A 106 1.87 4.16 -8.81
N TRP A 107 2.01 2.96 -8.26
CA TRP A 107 1.78 2.72 -6.85
C TRP A 107 2.92 3.32 -6.04
N GLN A 108 4.16 3.05 -6.48
CA GLN A 108 5.38 3.50 -5.80
C GLN A 108 5.38 5.03 -5.60
N GLU A 109 5.11 5.77 -6.65
CA GLU A 109 5.15 7.23 -6.57
C GLU A 109 3.98 7.77 -5.76
N GLN A 110 2.85 7.07 -5.84
CA GLN A 110 1.63 7.52 -5.20
C GLN A 110 1.64 7.28 -3.69
N ILE A 111 2.13 6.12 -3.29
CA ILE A 111 2.20 5.79 -1.87
C ILE A 111 3.14 6.76 -1.15
N GLN A 112 4.20 7.18 -1.84
CA GLN A 112 5.14 8.15 -1.30
C GLN A 112 4.40 9.43 -0.93
N SER A 113 3.53 9.87 -1.83
CA SER A 113 2.76 11.09 -1.63
C SER A 113 1.76 10.93 -0.48
N LEU A 114 1.09 9.78 -0.42
CA LEU A 114 0.12 9.51 0.65
C LEU A 114 0.83 9.43 2.00
N MET A 115 1.93 8.69 2.03
CA MET A 115 2.70 8.52 3.27
C MET A 115 3.10 9.85 3.86
N LYS A 116 3.71 10.69 3.05
CA LYS A 116 4.20 11.97 3.52
C LYS A 116 3.06 12.92 3.82
N PHE A 117 1.98 12.81 3.06
CA PHE A 117 0.83 13.68 3.27
C PHE A 117 0.35 13.63 4.71
N MET A 118 0.31 12.44 5.29
CA MET A 118 -0.14 12.28 6.66
C MET A 118 1.04 12.19 7.63
N SER A 119 2.20 11.78 7.13
CA SER A 119 3.36 11.57 7.99
C SER A 119 4.29 12.79 8.03
N MET A 120 3.95 13.83 7.26
CA MET A 120 4.73 15.06 7.29
C MET A 120 4.54 15.81 8.60
N LYS A 121 5.06 17.03 8.64
CA LYS A 121 4.91 17.90 9.80
C LYS A 121 3.45 18.00 10.24
N SER A 1 -9.55 22.64 5.40
CA SER A 1 -9.14 22.30 6.77
C SER A 1 -8.27 21.04 6.75
N ALA A 2 -7.19 21.07 7.53
CA ALA A 2 -6.11 20.06 7.44
C ALA A 2 -6.62 18.62 7.49
N SER A 3 -7.49 18.30 8.44
CA SER A 3 -7.97 16.94 8.60
C SER A 3 -9.07 16.63 7.58
N ASP A 4 -9.94 17.60 7.35
CA ASP A 4 -11.06 17.43 6.42
C ASP A 4 -10.55 17.20 5.00
N ILE A 5 -9.61 18.04 4.57
CA ILE A 5 -9.03 17.90 3.24
C ILE A 5 -8.34 16.54 3.11
N ARG A 6 -7.71 16.11 4.20
CA ARG A 6 -6.99 14.86 4.22
C ARG A 6 -7.94 13.70 3.97
N MET A 7 -9.06 13.70 4.66
CA MET A 7 -10.02 12.60 4.55
C MET A 7 -10.46 12.41 3.11
N LYS A 8 -10.67 13.49 2.39
CA LYS A 8 -11.02 13.40 0.98
C LYS A 8 -9.78 13.06 0.15
N LYS A 9 -8.64 13.62 0.54
CA LYS A 9 -7.43 13.51 -0.25
C LYS A 9 -6.86 12.10 -0.16
N VAL A 10 -6.97 11.50 1.01
CA VAL A 10 -6.53 10.12 1.21
C VAL A 10 -7.37 9.17 0.39
N MET A 11 -8.65 9.52 0.19
CA MET A 11 -9.53 8.74 -0.67
C MET A 11 -9.07 8.80 -2.12
N GLN A 12 -8.47 9.93 -2.49
CA GLN A 12 -7.88 10.08 -3.81
C GLN A 12 -6.68 9.15 -3.94
N TYR A 13 -5.83 9.18 -2.91
CA TYR A 13 -4.70 8.27 -2.82
C TYR A 13 -5.17 6.82 -2.73
N ARG A 14 -6.30 6.64 -2.07
CA ARG A 14 -6.85 5.32 -1.82
C ARG A 14 -7.16 4.60 -3.11
N ARG A 15 -7.71 5.32 -4.08
CA ARG A 15 -8.02 4.75 -5.38
C ARG A 15 -6.73 4.42 -6.13
N ALA A 16 -5.69 5.22 -5.88
CA ALA A 16 -4.40 5.03 -6.51
C ALA A 16 -3.64 3.89 -5.83
N LEU A 17 -3.97 3.63 -4.58
CA LEU A 17 -3.36 2.54 -3.83
C LEU A 17 -4.17 1.27 -3.99
N THR A 18 -5.42 1.41 -4.39
CA THR A 18 -6.24 0.26 -4.69
C THR A 18 -5.82 -0.33 -6.03
N LYS A 19 -5.13 -1.46 -5.99
CA LYS A 19 -4.59 -2.06 -7.18
C LYS A 19 -4.47 -3.56 -7.00
N VAL A 20 -4.20 -4.25 -8.09
CA VAL A 20 -3.92 -5.67 -8.04
C VAL A 20 -2.42 -5.88 -8.27
N VAL A 21 -1.78 -6.57 -7.35
CA VAL A 21 -0.33 -6.72 -7.39
C VAL A 21 0.11 -8.03 -6.76
N LYS A 22 1.21 -8.57 -7.22
CA LYS A 22 1.71 -9.83 -6.70
C LYS A 22 2.84 -9.56 -5.70
N LEU A 23 2.62 -9.97 -4.46
CA LEU A 23 3.60 -9.75 -3.41
C LEU A 23 4.62 -10.87 -3.39
N LYS A 24 5.86 -10.52 -3.09
CA LYS A 24 6.94 -11.48 -3.01
C LYS A 24 7.89 -11.11 -1.88
N THR A 25 7.83 -11.85 -0.80
CA THR A 25 8.68 -11.58 0.36
C THR A 25 8.60 -12.73 1.36
N HIS A 26 9.14 -12.54 2.56
CA HIS A 26 9.09 -13.56 3.61
C HIS A 26 7.64 -13.81 4.02
N LEU A 27 6.78 -12.89 3.63
CA LEU A 27 5.34 -13.04 3.84
C LEU A 27 4.86 -14.22 3.00
N PHE A 28 5.10 -14.13 1.70
CA PHE A 28 4.76 -15.19 0.74
C PHE A 28 4.97 -14.66 -0.68
N SER A 29 4.51 -15.40 -1.67
CA SER A 29 4.52 -14.92 -3.04
C SER A 29 3.21 -15.27 -3.73
N GLU A 30 2.32 -14.29 -3.82
CA GLU A 30 0.97 -14.50 -4.38
C GLU A 30 0.39 -13.17 -4.85
N THR A 31 -0.66 -13.25 -5.65
CA THR A 31 -1.33 -12.05 -6.15
C THR A 31 -2.33 -11.54 -5.12
N VAL A 32 -2.14 -10.29 -4.73
CA VAL A 32 -2.97 -9.67 -3.71
C VAL A 32 -3.61 -8.41 -4.27
N LYS A 33 -4.63 -7.90 -3.59
CA LYS A 33 -5.18 -6.61 -3.94
C LYS A 33 -4.80 -5.61 -2.86
N VAL A 34 -4.12 -4.55 -3.25
CA VAL A 34 -3.62 -3.58 -2.29
C VAL A 34 -4.53 -2.37 -2.26
N THR A 35 -4.41 -1.61 -1.18
CA THR A 35 -5.23 -0.42 -0.97
C THR A 35 -4.84 0.22 0.36
N CYS A 36 -5.57 1.23 0.78
CA CYS A 36 -5.31 1.86 2.07
C CYS A 36 -6.62 2.05 2.81
N SER A 37 -6.54 2.31 4.10
CA SER A 37 -7.72 2.50 4.92
C SER A 37 -8.37 3.86 4.60
N LYS A 38 -9.55 4.09 5.16
CA LYS A 38 -10.35 5.27 4.77
C LYS A 38 -9.62 6.58 5.02
N ASP A 39 -9.01 6.71 6.19
CA ASP A 39 -8.33 7.97 6.54
C ASP A 39 -6.89 7.97 6.03
N GLY A 40 -6.53 6.92 5.31
CA GLY A 40 -5.17 6.80 4.79
C GLY A 40 -4.15 6.41 5.84
N GLU A 41 -4.60 6.27 7.08
CA GLU A 41 -3.71 5.94 8.20
C GLU A 41 -3.05 4.58 8.01
N GLU A 42 -3.72 3.69 7.31
CA GLU A 42 -3.22 2.33 7.14
C GLU A 42 -3.16 1.94 5.67
N VAL A 43 -2.21 1.07 5.35
CA VAL A 43 -2.19 0.39 4.06
C VAL A 43 -2.62 -1.04 4.29
N GLN A 44 -3.56 -1.52 3.49
CA GLN A 44 -4.12 -2.84 3.69
C GLN A 44 -4.23 -3.58 2.36
N TRP A 45 -4.19 -4.90 2.42
CA TRP A 45 -4.23 -5.71 1.22
C TRP A 45 -5.04 -6.98 1.42
N PHE A 46 -5.55 -7.49 0.31
CA PHE A 46 -6.34 -8.69 0.31
C PHE A 46 -5.57 -9.79 -0.40
N LYS A 47 -5.00 -10.70 0.37
CA LYS A 47 -4.18 -11.75 -0.20
C LYS A 47 -5.05 -12.88 -0.71
N GLY A 48 -5.02 -13.07 -2.02
CA GLY A 48 -5.81 -14.11 -2.64
C GLY A 48 -7.29 -13.82 -2.58
N LYS A 49 -8.06 -14.82 -2.16
CA LYS A 49 -9.50 -14.71 -2.07
C LYS A 49 -9.92 -14.33 -0.65
N SER A 50 -9.35 -13.24 -0.16
CA SER A 50 -9.66 -12.72 1.17
C SER A 50 -11.15 -12.38 1.26
N THR A 51 -11.75 -12.66 2.42
CA THR A 51 -13.15 -12.38 2.63
C THR A 51 -13.44 -10.89 2.40
N ALA A 52 -14.29 -10.61 1.43
CA ALA A 52 -14.55 -9.24 1.01
C ALA A 52 -15.57 -8.55 1.92
N GLY A 53 -15.31 -8.66 3.22
CA GLY A 53 -16.14 -8.09 4.30
C GLY A 53 -17.53 -7.65 3.89
N ALA A 54 -17.82 -6.38 4.13
CA ALA A 54 -19.12 -5.81 3.80
C ALA A 54 -19.17 -5.32 2.36
N GLN A 55 -19.01 -6.25 1.42
CA GLN A 55 -19.13 -5.99 -0.02
C GLN A 55 -17.96 -5.18 -0.56
N ASP A 56 -17.67 -4.06 0.09
CA ASP A 56 -16.52 -3.22 -0.27
C ASP A 56 -15.23 -3.80 0.27
N ARG A 57 -15.32 -5.07 0.69
CA ARG A 57 -14.19 -5.83 1.23
C ARG A 57 -13.60 -5.11 2.44
N LYS A 58 -14.29 -5.24 3.57
CA LYS A 58 -13.87 -4.60 4.80
C LYS A 58 -13.01 -5.53 5.64
N LYS A 59 -12.52 -6.60 5.00
CA LYS A 59 -11.75 -7.60 5.70
C LYS A 59 -10.46 -7.91 4.94
N PRO A 60 -9.41 -7.11 5.19
CA PRO A 60 -8.10 -7.33 4.60
C PRO A 60 -7.38 -8.53 5.21
N SER A 61 -6.37 -9.02 4.52
CA SER A 61 -5.61 -10.15 4.99
C SER A 61 -4.24 -9.69 5.49
N GLY A 62 -4.13 -8.38 5.65
CA GLY A 62 -2.90 -7.79 6.12
C GLY A 62 -2.95 -6.28 6.03
N GLY A 63 -2.14 -5.60 6.83
CA GLY A 63 -2.12 -4.16 6.80
C GLY A 63 -1.17 -3.58 7.82
N PHE A 64 -0.77 -2.32 7.61
CA PHE A 64 0.14 -1.64 8.52
C PHE A 64 -0.03 -0.13 8.39
N PRO A 65 0.35 0.64 9.43
CA PRO A 65 0.19 2.09 9.44
C PRO A 65 1.18 2.79 8.51
N VAL A 66 0.68 3.82 7.84
CA VAL A 66 1.43 4.60 6.87
C VAL A 66 2.61 5.32 7.50
N ASP A 67 2.40 5.87 8.68
CA ASP A 67 3.44 6.62 9.37
C ASP A 67 4.51 5.69 9.93
N LYS A 68 4.23 4.39 9.92
CA LYS A 68 5.15 3.40 10.46
C LYS A 68 6.04 2.81 9.37
N ILE A 69 5.72 3.14 8.12
CA ILE A 69 6.55 2.72 6.99
C ILE A 69 7.94 3.36 7.11
N THR A 70 8.94 2.54 7.34
CA THR A 70 10.28 3.05 7.60
C THR A 70 10.97 3.46 6.30
N SER A 71 10.62 2.81 5.20
CA SER A 71 11.19 3.14 3.89
C SER A 71 10.28 2.69 2.75
N VAL A 72 10.05 3.59 1.82
CA VAL A 72 9.32 3.28 0.61
C VAL A 72 10.24 3.51 -0.58
N LYS A 73 10.69 2.42 -1.19
CA LYS A 73 11.73 2.50 -2.18
C LYS A 73 11.45 1.56 -3.35
N SER A 74 12.17 1.75 -4.43
CA SER A 74 12.14 0.82 -5.53
C SER A 74 13.49 0.08 -5.58
N GLN A 75 13.49 -1.12 -6.16
CA GLN A 75 14.71 -1.94 -6.24
C GLN A 75 15.85 -1.21 -6.95
N ALA A 76 17.00 -1.86 -7.08
CA ALA A 76 18.11 -1.28 -7.80
C ALA A 76 17.79 -1.17 -9.29
N ASP A 77 17.24 -2.25 -9.85
CA ASP A 77 16.79 -2.22 -11.24
C ASP A 77 15.30 -1.98 -11.31
N ASN A 78 14.64 -2.38 -10.22
CA ASN A 78 13.19 -2.25 -10.01
C ASN A 78 12.35 -2.30 -11.28
N THR A 79 12.69 -3.22 -12.18
CA THR A 79 11.96 -3.34 -13.44
C THR A 79 10.46 -3.50 -13.16
N LYS A 80 10.09 -4.63 -12.60
CA LYS A 80 8.73 -4.83 -12.12
C LYS A 80 8.70 -4.96 -10.60
N VAL A 81 9.80 -4.60 -9.95
CA VAL A 81 9.97 -4.89 -8.53
C VAL A 81 9.95 -3.63 -7.64
N LEU A 82 9.11 -3.64 -6.63
CA LEU A 82 9.07 -2.59 -5.61
C LEU A 82 9.55 -3.13 -4.27
N VAL A 83 10.11 -2.27 -3.42
CA VAL A 83 10.56 -2.71 -2.11
C VAL A 83 10.18 -1.70 -1.02
N ILE A 84 9.23 -2.09 -0.18
CA ILE A 84 8.73 -1.24 0.90
C ILE A 84 8.98 -1.92 2.25
N THR A 85 9.53 -1.20 3.20
CA THR A 85 9.84 -1.77 4.51
C THR A 85 9.15 -0.97 5.61
N VAL A 86 8.71 -1.65 6.66
CA VAL A 86 8.02 -1.01 7.76
C VAL A 86 8.78 -1.21 9.07
N ASN A 87 8.71 -0.21 9.96
CA ASN A 87 9.35 -0.28 11.26
C ASN A 87 8.32 -0.05 12.36
N ASN A 88 8.43 -0.86 13.44
CA ASN A 88 7.55 -0.84 14.63
C ASN A 88 6.54 -1.99 14.58
N PRO A 89 5.65 -2.09 13.56
CA PRO A 89 4.96 -3.35 13.26
C PRO A 89 5.95 -4.46 12.96
N GLN A 90 5.46 -5.69 12.83
CA GLN A 90 6.32 -6.84 12.61
C GLN A 90 7.12 -6.66 11.32
N PRO A 91 8.45 -6.52 11.45
CA PRO A 91 9.35 -6.17 10.35
C PRO A 91 9.12 -7.02 9.11
N THR A 92 8.63 -6.38 8.07
CA THR A 92 8.38 -7.04 6.80
C THR A 92 8.69 -6.09 5.66
N THR A 93 9.18 -6.63 4.56
CA THR A 93 9.49 -5.83 3.39
C THR A 93 8.68 -6.32 2.21
N TYR A 94 7.70 -5.53 1.81
CA TYR A 94 6.75 -5.95 0.80
C TYR A 94 7.24 -5.57 -0.59
N ASN A 95 7.36 -6.57 -1.45
CA ASN A 95 7.76 -6.32 -2.83
C ASN A 95 6.55 -6.39 -3.72
N PHE A 96 6.09 -5.23 -4.17
CA PHE A 96 4.93 -5.16 -5.04
C PHE A 96 5.37 -5.39 -6.49
N THR A 97 4.97 -6.53 -7.02
CA THR A 97 5.35 -6.91 -8.37
C THR A 97 4.12 -7.12 -9.24
N PHE A 98 4.14 -6.62 -10.45
CA PHE A 98 3.03 -6.81 -11.37
C PHE A 98 3.52 -7.05 -12.78
N LYS A 99 2.62 -7.40 -13.68
CA LYS A 99 2.96 -7.62 -15.08
C LYS A 99 3.36 -6.30 -15.73
N SER A 100 2.60 -5.26 -15.42
CA SER A 100 2.82 -3.94 -15.98
C SER A 100 4.06 -3.30 -15.41
N PRO A 101 5.02 -2.89 -16.26
CA PRO A 101 6.17 -2.11 -15.85
C PRO A 101 5.79 -0.68 -15.46
N GLY A 102 4.50 -0.38 -15.52
CA GLY A 102 4.02 0.92 -15.13
C GLY A 102 3.20 0.89 -13.85
N GLU A 103 2.30 -0.10 -13.76
CA GLU A 103 1.31 -0.18 -12.68
C GLU A 103 1.96 -0.05 -11.29
N ARG A 104 3.05 -0.77 -11.10
CA ARG A 104 3.68 -0.87 -9.79
C ARG A 104 4.31 0.45 -9.39
N GLU A 105 5.06 1.04 -10.30
CA GLU A 105 5.77 2.28 -10.00
C GLU A 105 4.79 3.45 -9.83
N SER A 106 3.69 3.40 -10.57
CA SER A 106 2.61 4.34 -10.37
C SER A 106 2.08 4.24 -8.94
N TRP A 107 2.12 3.01 -8.40
CA TRP A 107 1.73 2.76 -7.02
C TRP A 107 2.82 3.30 -6.08
N GLN A 108 4.07 3.00 -6.45
CA GLN A 108 5.26 3.40 -5.68
C GLN A 108 5.27 4.90 -5.38
N GLU A 109 5.06 5.72 -6.39
CA GLU A 109 5.09 7.16 -6.23
C GLU A 109 3.86 7.65 -5.47
N GLN A 110 2.76 6.93 -5.61
CA GLN A 110 1.51 7.33 -5.00
C GLN A 110 1.49 7.07 -3.50
N ILE A 111 1.95 5.89 -3.11
CA ILE A 111 1.98 5.52 -1.70
C ILE A 111 2.85 6.48 -0.92
N GLN A 112 4.02 6.81 -1.47
CA GLN A 112 4.98 7.64 -0.76
C GLN A 112 4.47 9.07 -0.64
N SER A 113 3.71 9.51 -1.62
CA SER A 113 3.12 10.83 -1.60
C SER A 113 2.00 10.88 -0.55
N LEU A 114 1.27 9.77 -0.41
CA LEU A 114 0.27 9.65 0.64
C LEU A 114 0.95 9.66 2.00
N MET A 115 2.02 8.89 2.12
CA MET A 115 2.77 8.80 3.35
C MET A 115 3.17 10.17 3.84
N LYS A 116 3.83 10.92 2.99
CA LYS A 116 4.36 12.23 3.37
C LYS A 116 3.23 13.24 3.55
N PHE A 117 2.14 13.05 2.84
CA PHE A 117 0.99 13.93 2.96
C PHE A 117 0.53 14.01 4.42
N MET A 118 0.55 12.88 5.11
CA MET A 118 0.15 12.85 6.52
C MET A 118 1.36 12.74 7.44
N SER A 119 2.49 12.29 6.89
CA SER A 119 3.72 12.17 7.67
C SER A 119 4.45 13.49 7.78
N MET A 120 4.18 14.40 6.85
CA MET A 120 4.74 15.75 6.92
C MET A 120 4.12 16.50 8.09
N LYS A 121 4.83 16.53 9.21
CA LYS A 121 4.31 17.12 10.43
C LYS A 121 4.29 18.63 10.31
N SER A 1 -9.41 22.97 5.39
CA SER A 1 -9.16 22.50 6.76
C SER A 1 -8.35 21.21 6.73
N ALA A 2 -7.34 21.11 7.59
CA ALA A 2 -6.35 20.03 7.51
C ALA A 2 -6.98 18.64 7.47
N SER A 3 -7.77 18.31 8.48
CA SER A 3 -8.37 17.00 8.58
C SER A 3 -9.42 16.78 7.48
N ASP A 4 -10.20 17.82 7.19
CA ASP A 4 -11.26 17.74 6.19
C ASP A 4 -10.68 17.46 4.80
N ILE A 5 -9.66 18.23 4.43
CA ILE A 5 -9.04 18.08 3.13
C ILE A 5 -8.34 16.72 3.05
N ARG A 6 -7.74 16.31 4.16
CA ARG A 6 -7.04 15.04 4.24
C ARG A 6 -7.99 13.88 3.95
N MET A 7 -9.15 13.89 4.58
CA MET A 7 -10.10 12.80 4.41
C MET A 7 -10.53 12.65 2.96
N LYS A 8 -10.70 13.77 2.26
CA LYS A 8 -11.05 13.71 0.85
C LYS A 8 -9.82 13.33 0.03
N LYS A 9 -8.66 13.80 0.47
CA LYS A 9 -7.42 13.62 -0.28
C LYS A 9 -6.93 12.17 -0.19
N VAL A 10 -7.07 11.58 0.99
CA VAL A 10 -6.67 10.19 1.18
C VAL A 10 -7.53 9.26 0.32
N MET A 11 -8.77 9.66 0.08
CA MET A 11 -9.64 8.95 -0.85
C MET A 11 -9.07 8.99 -2.27
N GLN A 12 -8.50 10.14 -2.62
CA GLN A 12 -7.88 10.32 -3.93
C GLN A 12 -6.65 9.41 -4.04
N TYR A 13 -5.90 9.33 -2.94
CA TYR A 13 -4.75 8.45 -2.86
C TYR A 13 -5.21 7.00 -2.81
N ARG A 14 -6.32 6.78 -2.13
CA ARG A 14 -6.86 5.43 -1.91
C ARG A 14 -7.14 4.74 -3.24
N ARG A 15 -7.71 5.47 -4.19
CA ARG A 15 -8.00 4.92 -5.50
C ARG A 15 -6.71 4.57 -6.24
N ALA A 16 -5.67 5.35 -6.00
CA ALA A 16 -4.37 5.12 -6.63
C ALA A 16 -3.59 4.03 -5.90
N LEU A 17 -4.01 3.74 -4.68
CA LEU A 17 -3.39 2.68 -3.90
C LEU A 17 -4.20 1.39 -4.01
N THR A 18 -5.42 1.49 -4.52
CA THR A 18 -6.24 0.31 -4.72
C THR A 18 -5.91 -0.35 -6.05
N LYS A 19 -5.21 -1.48 -5.96
CA LYS A 19 -4.69 -2.19 -7.13
C LYS A 19 -4.61 -3.67 -6.83
N VAL A 20 -4.34 -4.47 -7.84
CA VAL A 20 -3.95 -5.84 -7.62
C VAL A 20 -2.47 -5.97 -7.94
N VAL A 21 -1.73 -6.56 -7.03
CA VAL A 21 -0.30 -6.66 -7.15
C VAL A 21 0.20 -7.94 -6.50
N LYS A 22 1.27 -8.50 -7.02
CA LYS A 22 1.77 -9.75 -6.50
C LYS A 22 2.95 -9.52 -5.56
N LEU A 23 2.78 -9.91 -4.31
CA LEU A 23 3.81 -9.74 -3.30
C LEU A 23 4.79 -10.90 -3.35
N LYS A 24 6.06 -10.60 -3.08
CA LYS A 24 7.10 -11.62 -3.05
C LYS A 24 8.13 -11.28 -2.00
N THR A 25 8.13 -12.02 -0.90
CA THR A 25 9.07 -11.79 0.16
C THR A 25 9.01 -12.93 1.19
N HIS A 26 9.64 -12.77 2.35
CA HIS A 26 9.60 -13.77 3.40
C HIS A 26 8.17 -14.03 3.86
N LEU A 27 7.31 -13.04 3.58
CA LEU A 27 5.90 -13.12 3.86
C LEU A 27 5.26 -14.23 3.02
N PHE A 28 5.32 -14.07 1.70
CA PHE A 28 4.82 -15.07 0.75
C PHE A 28 5.00 -14.53 -0.66
N SER A 29 4.50 -15.29 -1.65
CA SER A 29 4.45 -14.81 -3.01
C SER A 29 3.08 -15.10 -3.60
N GLU A 30 2.21 -14.09 -3.62
CA GLU A 30 0.82 -14.23 -4.07
C GLU A 30 0.30 -12.90 -4.59
N THR A 31 -0.74 -12.95 -5.43
CA THR A 31 -1.37 -11.74 -5.89
C THR A 31 -2.33 -11.22 -4.84
N VAL A 32 -2.08 -10.03 -4.38
CA VAL A 32 -2.88 -9.42 -3.35
C VAL A 32 -3.52 -8.15 -3.90
N LYS A 33 -4.66 -7.78 -3.37
CA LYS A 33 -5.26 -6.51 -3.72
C LYS A 33 -4.89 -5.48 -2.67
N VAL A 34 -4.21 -4.43 -3.09
CA VAL A 34 -3.69 -3.45 -2.15
C VAL A 34 -4.60 -2.24 -2.12
N THR A 35 -4.60 -1.55 -0.99
CA THR A 35 -5.46 -0.40 -0.78
C THR A 35 -5.05 0.28 0.52
N CYS A 36 -5.82 1.25 0.99
CA CYS A 36 -5.50 1.91 2.23
C CYS A 36 -6.78 2.27 3.00
N SER A 37 -6.61 2.59 4.29
CA SER A 37 -7.72 3.02 5.13
C SER A 37 -8.37 4.29 4.59
N LYS A 38 -9.61 4.53 5.02
CA LYS A 38 -10.38 5.67 4.54
C LYS A 38 -9.83 6.99 5.04
N ASP A 39 -8.93 6.95 6.02
CA ASP A 39 -8.27 8.15 6.49
C ASP A 39 -6.81 8.12 6.09
N GLY A 40 -6.46 7.14 5.27
CA GLY A 40 -5.09 6.98 4.82
C GLY A 40 -4.12 6.71 5.95
N GLU A 41 -4.65 6.19 7.05
CA GLU A 41 -3.83 5.89 8.22
C GLU A 41 -3.18 4.52 8.10
N GLU A 42 -3.62 3.73 7.13
CA GLU A 42 -3.20 2.34 7.05
C GLU A 42 -3.19 1.85 5.61
N VAL A 43 -2.27 0.95 5.31
CA VAL A 43 -2.20 0.32 4.00
C VAL A 43 -2.63 -1.14 4.14
N GLN A 44 -3.60 -1.55 3.34
CA GLN A 44 -4.19 -2.87 3.49
C GLN A 44 -4.00 -3.69 2.22
N TRP A 45 -4.11 -5.00 2.35
CA TRP A 45 -4.10 -5.87 1.19
C TRP A 45 -4.98 -7.10 1.40
N PHE A 46 -5.50 -7.61 0.31
CA PHE A 46 -6.33 -8.81 0.33
C PHE A 46 -5.66 -9.90 -0.47
N LYS A 47 -5.23 -10.96 0.21
CA LYS A 47 -4.44 -12.01 -0.41
C LYS A 47 -5.32 -12.96 -1.22
N GLY A 48 -4.96 -13.15 -2.48
CA GLY A 48 -5.66 -14.09 -3.32
C GLY A 48 -6.98 -13.57 -3.81
N LYS A 49 -7.99 -13.62 -2.96
CA LYS A 49 -9.32 -13.16 -3.33
C LYS A 49 -9.43 -11.67 -3.09
N SER A 50 -10.13 -10.98 -3.98
CA SER A 50 -10.28 -9.53 -3.92
C SER A 50 -11.35 -9.14 -2.90
N THR A 51 -11.19 -9.64 -1.69
CA THR A 51 -12.12 -9.38 -0.59
C THR A 51 -12.24 -7.88 -0.30
N ALA A 52 -13.35 -7.49 0.31
CA ALA A 52 -13.54 -6.12 0.76
C ALA A 52 -14.60 -6.07 1.85
N GLY A 53 -14.14 -6.03 3.10
CA GLY A 53 -15.02 -6.04 4.26
C GLY A 53 -16.16 -5.05 4.18
N ALA A 54 -17.38 -5.57 4.23
CA ALA A 54 -18.61 -4.79 4.20
C ALA A 54 -18.60 -3.76 3.06
N GLN A 55 -18.02 -4.13 1.91
CA GLN A 55 -17.97 -3.27 0.72
C GLN A 55 -17.02 -2.09 0.88
N ASP A 56 -16.88 -1.61 2.12
CA ASP A 56 -15.99 -0.51 2.44
C ASP A 56 -14.55 -1.00 2.52
N ARG A 57 -14.39 -2.30 2.28
CA ARG A 57 -13.10 -2.99 2.35
C ARG A 57 -12.53 -2.86 3.76
N LYS A 58 -13.42 -3.05 4.73
CA LYS A 58 -13.11 -2.85 6.13
C LYS A 58 -12.51 -4.11 6.76
N LYS A 59 -12.45 -5.17 5.97
CA LYS A 59 -11.94 -6.44 6.45
C LYS A 59 -10.81 -6.93 5.55
N PRO A 60 -9.59 -6.39 5.74
CA PRO A 60 -8.42 -6.76 4.94
C PRO A 60 -7.88 -8.13 5.31
N SER A 61 -7.01 -8.65 4.46
CA SER A 61 -6.37 -9.92 4.68
C SER A 61 -4.92 -9.67 5.11
N GLY A 62 -4.68 -8.44 5.54
CA GLY A 62 -3.36 -8.03 5.96
C GLY A 62 -3.15 -6.54 5.74
N GLY A 63 -2.16 -5.97 6.39
CA GLY A 63 -1.88 -4.57 6.20
C GLY A 63 -0.92 -4.02 7.25
N PHE A 64 -0.73 -2.71 7.21
CA PHE A 64 0.14 -2.03 8.16
C PHE A 64 -0.09 -0.52 8.12
N PRO A 65 0.14 0.17 9.26
CA PRO A 65 -0.08 1.62 9.36
C PRO A 65 0.88 2.42 8.49
N VAL A 66 0.33 3.45 7.84
CA VAL A 66 1.07 4.30 6.92
C VAL A 66 2.20 5.03 7.63
N ASP A 67 1.94 5.48 8.84
CA ASP A 67 2.89 6.25 9.61
C ASP A 67 4.05 5.36 10.08
N LYS A 68 3.83 4.05 10.04
CA LYS A 68 4.81 3.11 10.56
C LYS A 68 5.71 2.57 9.46
N ILE A 69 5.42 2.93 8.22
CA ILE A 69 6.29 2.60 7.11
C ILE A 69 7.61 3.33 7.27
N THR A 70 8.72 2.61 7.17
CA THR A 70 10.02 3.24 7.40
C THR A 70 10.60 3.78 6.10
N SER A 71 10.46 3.04 5.00
CA SER A 71 11.01 3.46 3.72
C SER A 71 10.31 2.77 2.55
N VAL A 72 10.03 3.54 1.50
CA VAL A 72 9.41 3.02 0.29
C VAL A 72 10.34 3.23 -0.90
N LYS A 73 10.93 2.15 -1.38
CA LYS A 73 11.93 2.23 -2.44
C LYS A 73 11.60 1.30 -3.60
N SER A 74 12.29 1.51 -4.70
CA SER A 74 12.23 0.61 -5.83
C SER A 74 13.56 -0.11 -5.96
N GLN A 75 13.55 -1.28 -6.58
CA GLN A 75 14.77 -2.10 -6.73
C GLN A 75 15.85 -1.37 -7.54
N ALA A 76 16.94 -2.06 -7.84
CA ALA A 76 18.02 -1.47 -8.61
C ALA A 76 17.62 -1.30 -10.07
N ASP A 77 17.03 -2.35 -10.63
CA ASP A 77 16.52 -2.28 -12.00
C ASP A 77 15.01 -2.15 -11.98
N ASN A 78 14.42 -2.66 -10.89
CA ASN A 78 13.00 -2.50 -10.55
C ASN A 78 12.05 -2.48 -11.75
N THR A 79 12.30 -3.31 -12.76
CA THR A 79 11.43 -3.33 -13.92
C THR A 79 10.00 -3.65 -13.49
N LYS A 80 9.80 -4.78 -12.84
CA LYS A 80 8.52 -5.04 -12.20
C LYS A 80 8.67 -5.17 -10.68
N VAL A 81 9.82 -4.78 -10.13
CA VAL A 81 10.11 -5.07 -8.72
C VAL A 81 10.09 -3.83 -7.83
N LEU A 82 9.34 -3.90 -6.73
CA LEU A 82 9.29 -2.83 -5.73
C LEU A 82 9.83 -3.35 -4.39
N VAL A 83 10.38 -2.47 -3.57
CA VAL A 83 10.89 -2.87 -2.26
C VAL A 83 10.49 -1.87 -1.17
N ILE A 84 9.58 -2.28 -0.30
CA ILE A 84 9.06 -1.41 0.75
C ILE A 84 9.29 -2.03 2.13
N THR A 85 9.79 -1.25 3.06
CA THR A 85 10.05 -1.74 4.41
C THR A 85 9.27 -0.94 5.44
N VAL A 86 8.83 -1.61 6.50
CA VAL A 86 8.09 -0.98 7.57
C VAL A 86 8.85 -1.15 8.89
N ASN A 87 8.86 -0.12 9.73
CA ASN A 87 9.56 -0.19 11.01
C ASN A 87 8.70 0.29 12.17
N ASN A 88 8.08 -0.67 12.82
CA ASN A 88 7.33 -0.50 14.08
C ASN A 88 6.47 -1.74 14.29
N PRO A 89 5.60 -2.12 13.31
CA PRO A 89 5.13 -3.50 13.18
C PRO A 89 6.31 -4.42 12.94
N GLN A 90 6.09 -5.73 12.96
CA GLN A 90 7.18 -6.68 12.80
C GLN A 90 7.87 -6.46 11.47
N PRO A 91 9.16 -6.05 11.53
CA PRO A 91 9.95 -5.65 10.36
C PRO A 91 9.78 -6.58 9.17
N THR A 92 9.20 -6.05 8.10
CA THR A 92 8.96 -6.80 6.90
C THR A 92 9.21 -5.91 5.67
N THR A 93 9.73 -6.51 4.61
CA THR A 93 9.96 -5.80 3.37
C THR A 93 9.11 -6.40 2.26
N TYR A 94 8.18 -5.63 1.76
CA TYR A 94 7.22 -6.10 0.77
C TYR A 94 7.69 -5.76 -0.63
N ASN A 95 7.70 -6.76 -1.50
CA ASN A 95 8.03 -6.52 -2.90
C ASN A 95 6.76 -6.54 -3.73
N PHE A 96 6.31 -5.38 -4.15
CA PHE A 96 5.12 -5.30 -4.99
C PHE A 96 5.51 -5.54 -6.43
N THR A 97 5.10 -6.68 -6.96
CA THR A 97 5.46 -7.07 -8.30
C THR A 97 4.21 -7.27 -9.15
N PHE A 98 4.20 -6.74 -10.35
CA PHE A 98 3.06 -6.93 -11.24
C PHE A 98 3.55 -7.12 -12.66
N LYS A 99 2.66 -7.50 -13.54
CA LYS A 99 2.98 -7.64 -14.95
C LYS A 99 3.31 -6.27 -15.51
N SER A 100 2.40 -5.37 -15.19
CA SER A 100 2.40 -4.03 -15.72
C SER A 100 3.48 -3.18 -15.08
N PRO A 101 4.44 -2.70 -15.89
CA PRO A 101 5.52 -1.84 -15.40
C PRO A 101 5.00 -0.53 -14.84
N GLY A 102 3.97 0.03 -15.47
CA GLY A 102 3.42 1.29 -15.02
C GLY A 102 2.58 1.17 -13.77
N GLU A 103 2.00 -0.01 -13.57
CA GLU A 103 1.06 -0.22 -12.46
C GLU A 103 1.76 -0.05 -11.12
N ARG A 104 2.87 -0.74 -10.97
CA ARG A 104 3.60 -0.76 -9.71
C ARG A 104 4.28 0.60 -9.46
N GLU A 105 4.79 1.20 -10.54
CA GLU A 105 5.48 2.48 -10.45
C GLU A 105 4.54 3.57 -9.99
N SER A 106 3.33 3.59 -10.54
CA SER A 106 2.31 4.55 -10.13
C SER A 106 2.01 4.36 -8.65
N TRP A 107 2.06 3.11 -8.19
CA TRP A 107 1.82 2.80 -6.79
C TRP A 107 2.98 3.31 -5.92
N GLN A 108 4.20 3.02 -6.38
CA GLN A 108 5.44 3.38 -5.68
C GLN A 108 5.49 4.86 -5.30
N GLU A 109 5.20 5.73 -6.25
CA GLU A 109 5.21 7.16 -6.01
C GLU A 109 4.01 7.61 -5.18
N GLN A 110 2.85 7.04 -5.49
CA GLN A 110 1.59 7.46 -4.89
C GLN A 110 1.54 7.15 -3.40
N ILE A 111 2.04 5.99 -3.02
CA ILE A 111 2.05 5.59 -1.62
C ILE A 111 2.88 6.56 -0.79
N GLN A 112 4.00 7.01 -1.37
CA GLN A 112 4.89 7.94 -0.68
C GLN A 112 4.19 9.28 -0.51
N SER A 113 3.47 9.70 -1.54
CA SER A 113 2.72 10.95 -1.50
C SER A 113 1.65 10.89 -0.40
N LEU A 114 1.07 9.72 -0.22
CA LEU A 114 0.06 9.52 0.82
C LEU A 114 0.72 9.54 2.20
N MET A 115 1.85 8.83 2.33
CA MET A 115 2.58 8.77 3.60
C MET A 115 3.00 10.15 4.06
N LYS A 116 3.65 10.88 3.18
CA LYS A 116 4.19 12.18 3.53
C LYS A 116 3.09 13.21 3.69
N PHE A 117 1.93 12.91 3.14
CA PHE A 117 0.78 13.78 3.24
C PHE A 117 0.21 13.80 4.66
N MET A 118 -0.20 12.63 5.14
CA MET A 118 -0.90 12.54 6.42
C MET A 118 0.06 12.20 7.55
N SER A 119 1.16 11.54 7.22
CA SER A 119 2.18 11.22 8.21
C SER A 119 3.37 12.17 8.05
N MET A 120 3.06 13.39 7.64
CA MET A 120 4.08 14.42 7.44
C MET A 120 4.91 14.64 8.71
N LYS A 121 6.18 14.90 8.53
CA LYS A 121 7.09 15.11 9.65
C LYS A 121 7.60 16.54 9.66
N SER A 1 -11.55 22.34 6.78
CA SER A 1 -11.22 21.39 7.86
C SER A 1 -10.04 20.50 7.45
N ALA A 2 -9.03 20.47 8.30
CA ALA A 2 -7.81 19.71 8.03
C ALA A 2 -8.10 18.22 8.03
N SER A 3 -9.08 17.80 8.81
CA SER A 3 -9.45 16.40 8.86
C SER A 3 -10.24 16.03 7.60
N ASP A 4 -11.17 16.89 7.23
CA ASP A 4 -12.04 16.64 6.07
C ASP A 4 -11.24 16.66 4.78
N ILE A 5 -10.37 17.65 4.61
CA ILE A 5 -9.55 17.74 3.42
C ILE A 5 -8.64 16.51 3.30
N ARG A 6 -8.17 16.04 4.44
CA ARG A 6 -7.35 14.85 4.51
C ARG A 6 -8.15 13.64 4.10
N MET A 7 -9.35 13.51 4.65
CA MET A 7 -10.22 12.38 4.33
C MET A 7 -10.55 12.33 2.85
N LYS A 8 -10.77 13.49 2.24
CA LYS A 8 -11.03 13.51 0.81
C LYS A 8 -9.74 13.29 0.03
N LYS A 9 -8.61 13.75 0.54
CA LYS A 9 -7.35 13.58 -0.16
C LYS A 9 -6.86 12.14 -0.07
N VAL A 10 -7.05 11.52 1.09
CA VAL A 10 -6.62 10.15 1.30
C VAL A 10 -7.44 9.19 0.44
N MET A 11 -8.71 9.52 0.19
CA MET A 11 -9.53 8.67 -0.65
C MET A 11 -9.06 8.76 -2.10
N GLN A 12 -8.52 9.92 -2.47
CA GLN A 12 -7.88 10.09 -3.78
C GLN A 12 -6.68 9.16 -3.87
N TYR A 13 -5.83 9.22 -2.84
CA TYR A 13 -4.66 8.36 -2.75
C TYR A 13 -5.08 6.90 -2.67
N ARG A 14 -6.19 6.66 -1.98
CA ARG A 14 -6.72 5.32 -1.79
C ARG A 14 -7.01 4.66 -3.14
N ARG A 15 -7.54 5.44 -4.07
CA ARG A 15 -7.82 4.94 -5.40
C ARG A 15 -6.54 4.60 -6.14
N ALA A 16 -5.53 5.43 -5.92
CA ALA A 16 -4.23 5.26 -6.56
C ALA A 16 -3.42 4.17 -5.86
N LEU A 17 -3.87 3.78 -4.69
CA LEU A 17 -3.24 2.70 -3.94
C LEU A 17 -4.03 1.40 -4.11
N THR A 18 -5.30 1.51 -4.50
CA THR A 18 -6.13 0.35 -4.74
C THR A 18 -5.77 -0.29 -6.07
N LYS A 19 -5.08 -1.41 -6.00
CA LYS A 19 -4.56 -2.09 -7.19
C LYS A 19 -4.51 -3.57 -6.92
N VAL A 20 -4.34 -4.34 -7.98
CA VAL A 20 -4.06 -5.75 -7.85
C VAL A 20 -2.57 -5.94 -8.12
N VAL A 21 -1.89 -6.57 -7.18
CA VAL A 21 -0.45 -6.67 -7.20
C VAL A 21 0.02 -7.98 -6.59
N LYS A 22 1.13 -8.49 -7.05
CA LYS A 22 1.63 -9.76 -6.55
C LYS A 22 2.77 -9.52 -5.56
N LEU A 23 2.58 -10.00 -4.34
CA LEU A 23 3.60 -9.85 -3.31
C LEU A 23 4.61 -10.98 -3.39
N LYS A 24 5.87 -10.66 -3.12
CA LYS A 24 6.93 -11.65 -3.14
C LYS A 24 7.97 -11.32 -2.08
N THR A 25 7.98 -12.08 -1.00
CA THR A 25 8.94 -11.86 0.06
C THR A 25 8.90 -13.02 1.06
N HIS A 26 9.59 -12.90 2.20
CA HIS A 26 9.58 -13.93 3.23
C HIS A 26 8.16 -14.16 3.75
N LEU A 27 7.30 -13.19 3.50
CA LEU A 27 5.89 -13.28 3.82
C LEU A 27 5.28 -14.42 3.00
N PHE A 28 5.24 -14.21 1.69
CA PHE A 28 4.77 -15.22 0.74
C PHE A 28 4.89 -14.67 -0.67
N SER A 29 4.42 -15.43 -1.63
CA SER A 29 4.33 -14.95 -2.99
C SER A 29 2.92 -15.20 -3.51
N GLU A 30 2.09 -14.17 -3.49
CA GLU A 30 0.68 -14.30 -3.82
C GLU A 30 0.18 -13.03 -4.49
N THR A 31 -0.88 -13.15 -5.26
CA THR A 31 -1.53 -12.01 -5.87
C THR A 31 -2.48 -11.37 -4.86
N VAL A 32 -2.21 -10.15 -4.50
CA VAL A 32 -2.98 -9.47 -3.47
C VAL A 32 -3.59 -8.20 -4.03
N LYS A 33 -4.70 -7.77 -3.46
CA LYS A 33 -5.25 -6.47 -3.80
C LYS A 33 -4.83 -5.48 -2.73
N VAL A 34 -4.06 -4.49 -3.13
CA VAL A 34 -3.52 -3.54 -2.18
C VAL A 34 -4.33 -2.26 -2.20
N THR A 35 -4.23 -1.52 -1.12
CA THR A 35 -5.04 -0.33 -0.92
C THR A 35 -4.67 0.30 0.42
N CYS A 36 -5.45 1.26 0.87
CA CYS A 36 -5.25 1.87 2.18
C CYS A 36 -6.58 2.04 2.88
N SER A 37 -6.53 2.24 4.19
CA SER A 37 -7.74 2.43 4.97
C SER A 37 -8.45 3.72 4.57
N LYS A 38 -9.67 3.92 5.08
CA LYS A 38 -10.50 5.05 4.67
C LYS A 38 -9.81 6.39 4.92
N ASP A 39 -9.26 6.55 6.12
CA ASP A 39 -8.62 7.81 6.49
C ASP A 39 -7.17 7.84 6.04
N GLY A 40 -6.79 6.82 5.27
CA GLY A 40 -5.44 6.72 4.74
C GLY A 40 -4.39 6.38 5.77
N GLU A 41 -4.84 6.07 7.00
CA GLU A 41 -3.93 5.82 8.11
C GLU A 41 -3.14 4.52 7.95
N GLU A 42 -3.69 3.57 7.20
CA GLU A 42 -3.05 2.28 7.05
C GLU A 42 -3.04 1.80 5.62
N VAL A 43 -2.02 1.02 5.28
CA VAL A 43 -1.97 0.33 4.00
C VAL A 43 -2.49 -1.07 4.22
N GLN A 44 -3.32 -1.56 3.31
CA GLN A 44 -3.96 -2.86 3.49
C GLN A 44 -3.93 -3.67 2.20
N TRP A 45 -4.07 -4.98 2.32
CA TRP A 45 -4.11 -5.85 1.14
C TRP A 45 -5.01 -7.06 1.37
N PHE A 46 -5.56 -7.55 0.27
CA PHE A 46 -6.42 -8.72 0.27
C PHE A 46 -5.73 -9.85 -0.49
N LYS A 47 -5.42 -10.93 0.20
CA LYS A 47 -4.62 -12.01 -0.38
C LYS A 47 -5.48 -12.93 -1.25
N GLY A 48 -5.13 -13.04 -2.52
CA GLY A 48 -5.88 -13.87 -3.45
C GLY A 48 -7.17 -13.20 -3.87
N LYS A 49 -8.27 -13.63 -3.29
CA LYS A 49 -9.55 -12.99 -3.54
C LYS A 49 -9.79 -11.91 -2.51
N SER A 50 -10.49 -10.86 -2.90
CA SER A 50 -10.75 -9.74 -2.02
C SER A 50 -11.84 -10.09 -1.01
N THR A 51 -11.41 -10.40 0.21
CA THR A 51 -12.34 -10.67 1.29
C THR A 51 -13.19 -9.43 1.57
N ALA A 52 -14.40 -9.45 1.06
CA ALA A 52 -15.24 -8.27 1.09
C ALA A 52 -16.01 -8.15 2.41
N GLY A 53 -15.36 -7.51 3.37
CA GLY A 53 -15.95 -7.28 4.67
C GLY A 53 -17.19 -6.42 4.61
N ALA A 54 -18.26 -6.92 5.22
CA ALA A 54 -19.53 -6.20 5.30
C ALA A 54 -20.08 -5.85 3.93
N GLN A 55 -19.72 -6.66 2.93
CA GLN A 55 -20.24 -6.51 1.55
C GLN A 55 -19.63 -5.31 0.83
N ASP A 56 -19.44 -4.20 1.55
CA ASP A 56 -18.80 -3.01 1.00
C ASP A 56 -17.29 -3.19 0.92
N ARG A 57 -16.86 -4.37 1.34
CA ARG A 57 -15.49 -4.86 1.18
C ARG A 57 -14.49 -4.11 2.06
N LYS A 58 -14.64 -4.25 3.38
CA LYS A 58 -13.70 -3.62 4.32
C LYS A 58 -13.11 -4.66 5.26
N LYS A 59 -12.56 -5.73 4.71
CA LYS A 59 -11.92 -6.75 5.53
C LYS A 59 -10.66 -7.27 4.85
N PRO A 60 -9.59 -6.48 4.91
CA PRO A 60 -8.28 -6.85 4.34
C PRO A 60 -7.65 -8.01 5.10
N SER A 61 -6.80 -8.75 4.40
CA SER A 61 -6.17 -9.94 4.97
C SER A 61 -4.82 -9.58 5.59
N GLY A 62 -4.47 -8.31 5.50
CA GLY A 62 -3.22 -7.84 6.07
C GLY A 62 -3.00 -6.37 5.81
N GLY A 63 -1.97 -5.81 6.43
CA GLY A 63 -1.67 -4.41 6.24
C GLY A 63 -0.81 -3.85 7.37
N PHE A 64 -0.54 -2.56 7.31
CA PHE A 64 0.30 -1.89 8.31
C PHE A 64 0.10 -0.38 8.25
N PRO A 65 0.43 0.34 9.34
CA PRO A 65 0.23 1.79 9.42
C PRO A 65 1.17 2.57 8.51
N VAL A 66 0.61 3.56 7.82
CA VAL A 66 1.35 4.39 6.88
C VAL A 66 2.42 5.20 7.59
N ASP A 67 2.11 5.63 8.80
CA ASP A 67 3.03 6.42 9.60
C ASP A 67 4.24 5.59 10.03
N LYS A 68 4.13 4.28 9.85
CA LYS A 68 5.16 3.36 10.31
C LYS A 68 6.02 2.84 9.15
N ILE A 69 5.65 3.18 7.92
CA ILE A 69 6.45 2.81 6.77
C ILE A 69 7.81 3.51 6.85
N THR A 70 8.88 2.73 7.00
CA THR A 70 10.19 3.31 7.18
C THR A 70 10.80 3.71 5.84
N SER A 71 10.55 2.93 4.80
CA SER A 71 11.11 3.22 3.48
C SER A 71 10.23 2.67 2.37
N VAL A 72 9.95 3.51 1.38
CA VAL A 72 9.32 3.07 0.15
C VAL A 72 10.29 3.28 -0.99
N LYS A 73 10.86 2.19 -1.45
CA LYS A 73 11.96 2.24 -2.39
C LYS A 73 11.72 1.26 -3.52
N SER A 74 12.50 1.39 -4.57
CA SER A 74 12.47 0.46 -5.66
C SER A 74 13.81 -0.27 -5.74
N GLN A 75 13.79 -1.47 -6.30
CA GLN A 75 14.98 -2.29 -6.43
C GLN A 75 16.06 -1.61 -7.28
N ALA A 76 17.19 -2.28 -7.47
CA ALA A 76 18.28 -1.72 -8.26
C ALA A 76 17.87 -1.55 -9.71
N ASP A 77 17.24 -2.57 -10.27
CA ASP A 77 16.73 -2.50 -11.64
C ASP A 77 15.21 -2.27 -11.62
N ASN A 78 14.61 -2.73 -10.53
CA ASN A 78 13.18 -2.52 -10.19
C ASN A 78 12.24 -2.38 -11.39
N THR A 79 12.42 -3.21 -12.42
CA THR A 79 11.53 -3.16 -13.57
C THR A 79 10.08 -3.28 -13.12
N LYS A 80 9.72 -4.44 -12.59
CA LYS A 80 8.40 -4.59 -11.99
C LYS A 80 8.48 -4.81 -10.47
N VAL A 81 9.66 -4.60 -9.90
CA VAL A 81 9.91 -4.99 -8.51
C VAL A 81 10.01 -3.79 -7.57
N LEU A 82 9.02 -3.65 -6.69
CA LEU A 82 9.02 -2.62 -5.65
C LEU A 82 9.49 -3.21 -4.33
N VAL A 83 10.11 -2.40 -3.49
CA VAL A 83 10.56 -2.87 -2.18
C VAL A 83 10.18 -1.88 -1.07
N ILE A 84 9.26 -2.31 -0.22
CA ILE A 84 8.76 -1.47 0.86
C ILE A 84 9.07 -2.10 2.21
N THR A 85 9.62 -1.33 3.13
CA THR A 85 9.94 -1.83 4.45
C THR A 85 9.23 -0.97 5.50
N VAL A 86 8.81 -1.59 6.60
CA VAL A 86 8.14 -0.89 7.67
C VAL A 86 8.92 -0.99 8.98
N ASN A 87 8.86 0.08 9.78
CA ASN A 87 9.55 0.13 11.07
C ASN A 87 8.55 0.42 12.18
N ASN A 88 8.77 -0.24 13.34
CA ASN A 88 7.90 -0.16 14.54
C ASN A 88 6.99 -1.39 14.64
N PRO A 89 6.07 -1.66 13.67
CA PRO A 89 5.42 -2.98 13.56
C PRO A 89 6.46 -4.07 13.32
N GLN A 90 6.03 -5.31 13.34
CA GLN A 90 6.93 -6.44 13.15
C GLN A 90 7.58 -6.34 11.76
N PRO A 91 8.89 -6.05 11.74
CA PRO A 91 9.64 -5.73 10.51
C PRO A 91 9.37 -6.70 9.37
N THR A 92 8.76 -6.17 8.31
CA THR A 92 8.49 -6.95 7.11
C THR A 92 8.74 -6.09 5.88
N THR A 93 9.35 -6.69 4.86
CA THR A 93 9.59 -5.98 3.61
C THR A 93 8.71 -6.57 2.52
N TYR A 94 7.87 -5.72 1.94
CA TYR A 94 6.91 -6.16 0.95
C TYR A 94 7.37 -5.77 -0.44
N ASN A 95 7.45 -6.74 -1.33
CA ASN A 95 7.81 -6.47 -2.71
C ASN A 95 6.58 -6.56 -3.58
N PHE A 96 6.13 -5.40 -4.02
CA PHE A 96 4.96 -5.32 -4.87
C PHE A 96 5.38 -5.52 -6.31
N THR A 97 4.93 -6.61 -6.90
CA THR A 97 5.28 -6.95 -8.27
C THR A 97 4.03 -7.07 -9.13
N PHE A 98 4.06 -6.49 -10.33
CA PHE A 98 2.98 -6.63 -11.28
C PHE A 98 3.54 -6.76 -12.69
N LYS A 99 2.75 -7.31 -13.60
CA LYS A 99 3.18 -7.49 -14.98
C LYS A 99 3.35 -6.13 -15.66
N SER A 100 2.48 -5.20 -15.31
CA SER A 100 2.52 -3.85 -15.86
C SER A 100 3.64 -3.03 -15.23
N PRO A 101 4.60 -2.57 -16.04
CA PRO A 101 5.71 -1.73 -15.57
C PRO A 101 5.23 -0.34 -15.13
N GLY A 102 4.12 0.10 -15.71
CA GLY A 102 3.56 1.38 -15.34
C GLY A 102 2.85 1.31 -14.00
N GLU A 103 2.27 0.15 -13.72
CA GLU A 103 1.58 -0.08 -12.46
C GLU A 103 2.54 0.08 -11.30
N ARG A 104 3.75 -0.45 -11.48
CA ARG A 104 4.81 -0.35 -10.48
C ARG A 104 5.06 1.10 -10.15
N GLU A 105 5.24 1.88 -11.20
CA GLU A 105 5.60 3.28 -11.06
C GLU A 105 4.48 4.08 -10.42
N SER A 106 3.26 3.86 -10.89
CA SER A 106 2.11 4.57 -10.35
C SER A 106 1.98 4.34 -8.84
N TRP A 107 2.19 3.11 -8.42
CA TRP A 107 2.02 2.77 -7.01
C TRP A 107 3.16 3.34 -6.16
N GLN A 108 4.39 3.20 -6.65
CA GLN A 108 5.60 3.58 -5.91
C GLN A 108 5.55 5.04 -5.45
N GLU A 109 5.23 5.93 -6.38
CA GLU A 109 5.19 7.36 -6.09
C GLU A 109 3.96 7.74 -5.25
N GLN A 110 2.84 7.13 -5.56
CA GLN A 110 1.57 7.49 -4.96
C GLN A 110 1.53 7.21 -3.47
N ILE A 111 2.06 6.06 -3.09
CA ILE A 111 2.08 5.68 -1.68
C ILE A 111 2.91 6.67 -0.87
N GLN A 112 4.00 7.15 -1.46
CA GLN A 112 4.89 8.09 -0.80
C GLN A 112 4.19 9.43 -0.59
N SER A 113 3.40 9.81 -1.58
CA SER A 113 2.66 11.06 -1.52
C SER A 113 1.62 11.00 -0.40
N LEU A 114 1.02 9.82 -0.24
CA LEU A 114 0.05 9.59 0.83
C LEU A 114 0.76 9.64 2.19
N MET A 115 1.91 8.97 2.27
CA MET A 115 2.69 8.92 3.50
C MET A 115 3.05 10.31 3.97
N LYS A 116 3.62 11.10 3.08
CA LYS A 116 4.06 12.45 3.42
C LYS A 116 2.88 13.38 3.61
N PHE A 117 1.73 13.01 3.11
CA PHE A 117 0.54 13.79 3.36
C PHE A 117 0.06 13.62 4.79
N MET A 118 -0.21 12.39 5.19
CA MET A 118 -0.81 12.11 6.48
C MET A 118 0.23 11.97 7.59
N SER A 119 1.37 11.39 7.27
CA SER A 119 2.34 11.02 8.29
C SER A 119 3.32 12.15 8.57
N MET A 120 3.35 13.15 7.69
CA MET A 120 4.22 14.29 7.90
C MET A 120 3.83 15.06 9.16
N LYS A 121 4.81 15.27 10.03
CA LYS A 121 4.59 15.98 11.28
C LYS A 121 5.01 17.44 11.12
#